data_6H2P
#
_entry.id   6H2P
#
_cell.length_a   103.453
_cell.length_b   107.075
_cell.length_c   216.543
_cell.angle_alpha   90.000
_cell.angle_beta   90.000
_cell.angle_gamma   90.000
#
_symmetry.space_group_name_H-M   'C 2 2 21'
#
loop_
_entity.id
_entity.type
_entity.pdbx_description
1 polymer 'Xaa-Pro dipeptidase'
2 non-polymer 'MANGANESE (II) ION'
3 non-polymer 'CACODYLATE ION'
4 non-polymer GLYCEROL
5 water water
#
_entity_poly.entity_id   1
_entity_poly.type   'polypeptide(L)'
_entity_poly.pdbx_seq_one_letter_code
;MAAATGPSFWLGNETLKVPLALFALNRQRLCERLRKNPAVQAGSIVVLQGGEETQRYCTDTGVLFRQESFFHWAFGVTEP
GCYGVIDVDTGKSTLFVPRLPASHATWMGKIHSKEHFKEKYAVDDVQYVDEIASVLTSQKPSVLLTLRGVNTDSGSVCRE
ASFDGISKFEVNNTILHPEIVECQVFKTDMELEVLRYTNKISSEAHREVMKAVKVGMKEYELESLFEHYCYSRGGMRHSS
YTCICGSGENSAVLHYGHAGAPNDRTIQNGDMCLFDMGGEYYCFASDITCSFPANGKFTADQKAVYEAVLRSSRAVMGAM
KPGVWWPDMHRLADRIHLEELAHMGILSGSVDAMVQAHLGAVFMPHGLGHFLGIDVHDVGGYPEGVERIDEPGLRSLRTA
RHLQPGMVLTVEPGIYFIDHLLDEALADPARASFLNREVLQRFRGFGGVRIEEDVVVTDSGIELLTCVPRTVEEIEACMA
GCDKFTPFSGPK
;
_entity_poly.pdbx_strand_id   A,B
#
loop_
_chem_comp.id
_chem_comp.type
_chem_comp.name
_chem_comp.formula
CAC non-polymer 'CACODYLATE ION' 'C2 H6 As O2 -1'
GOL non-polymer GLYCEROL 'C3 H8 O3'
MN non-polymer 'MANGANESE (II) ION' 'Mn 2'
#
# COMPACT_ATOMS: atom_id res chain seq x y z
N GLY A 6 23.19 -22.44 -6.45
CA GLY A 6 22.88 -21.25 -7.21
C GLY A 6 22.47 -20.07 -6.38
N PRO A 7 22.04 -18.98 -7.03
CA PRO A 7 21.65 -17.77 -6.31
C PRO A 7 20.33 -17.88 -5.56
N SER A 8 20.19 -17.00 -4.56
CA SER A 8 19.02 -16.95 -3.70
CA SER A 8 18.99 -16.96 -3.74
C SER A 8 18.60 -15.52 -3.46
N PHE A 9 17.31 -15.30 -3.33
CA PHE A 9 16.74 -14.10 -2.77
C PHE A 9 16.90 -14.17 -1.25
N TRP A 10 17.28 -13.06 -0.64
CA TRP A 10 17.50 -13.02 0.80
C TRP A 10 17.41 -11.57 1.26
N LEU A 11 16.82 -11.29 2.40
CA LEU A 11 16.83 -9.93 2.94
C LEU A 11 17.70 -9.89 4.21
N GLY A 12 18.66 -10.80 4.30
CA GLY A 12 19.66 -10.77 5.38
C GLY A 12 19.12 -11.18 6.72
N ASN A 13 19.90 -10.94 7.77
CA ASN A 13 19.49 -11.26 9.13
C ASN A 13 18.98 -12.70 9.25
N GLU A 14 17.76 -12.91 9.75
CA GLU A 14 17.23 -14.26 9.93
C GLU A 14 16.18 -14.60 8.87
N THR A 15 16.15 -13.85 7.79
CA THR A 15 15.16 -14.08 6.75
C THR A 15 15.57 -15.28 5.91
N LEU A 16 14.58 -15.84 5.23
CA LEU A 16 14.73 -17.03 4.43
C LEU A 16 15.46 -16.79 3.12
N LYS A 17 16.44 -17.66 2.84
CA LYS A 17 17.06 -17.70 1.49
C LYS A 17 16.18 -18.56 0.58
N VAL A 18 15.66 -17.93 -0.48
CA VAL A 18 14.80 -18.59 -1.46
C VAL A 18 15.59 -18.80 -2.73
N PRO A 19 15.91 -20.06 -3.06
CA PRO A 19 16.69 -20.32 -4.27
C PRO A 19 15.94 -19.92 -5.53
N LEU A 20 16.66 -19.30 -6.46
CA LEU A 20 16.00 -18.92 -7.72
C LEU A 20 15.68 -20.19 -8.51
N ALA A 21 16.27 -21.30 -8.11
CA ALA A 21 15.90 -22.61 -8.68
C ALA A 21 14.38 -22.94 -8.52
N LEU A 22 13.75 -22.31 -7.54
CA LEU A 22 12.32 -22.48 -7.34
C LEU A 22 11.58 -22.12 -8.63
N PHE A 23 11.95 -20.98 -9.19
CA PHE A 23 11.25 -20.46 -10.39
C PHE A 23 11.65 -21.23 -11.63
N ALA A 24 12.92 -21.65 -11.71
CA ALA A 24 13.32 -22.52 -12.78
C ALA A 24 12.50 -23.82 -12.78
N LEU A 25 12.19 -24.34 -11.59
CA LEU A 25 11.41 -25.59 -11.53
C LEU A 25 10.00 -25.34 -12.01
N ASN A 26 9.44 -24.20 -11.62
CA ASN A 26 8.10 -23.84 -12.10
C ASN A 26 8.06 -23.73 -13.62
N ARG A 27 9.06 -23.11 -14.24
CA ARG A 27 9.10 -23.03 -15.70
C ARG A 27 9.14 -24.41 -16.32
N GLN A 28 9.94 -25.30 -15.73
CA GLN A 28 10.06 -26.63 -16.26
C GLN A 28 8.75 -27.38 -16.16
N ARG A 29 8.08 -27.25 -15.01
CA ARG A 29 6.81 -27.92 -14.77
C ARG A 29 5.76 -27.41 -15.77
N LEU A 30 5.80 -26.10 -16.04
CA LEU A 30 4.86 -25.53 -16.99
C LEU A 30 5.11 -26.09 -18.38
N CYS A 31 6.35 -26.15 -18.82
CA CYS A 31 6.65 -26.70 -20.12
C CYS A 31 6.22 -28.16 -20.20
N GLU A 32 6.45 -28.90 -19.12
CA GLU A 32 6.09 -30.33 -19.12
C GLU A 32 4.59 -30.53 -19.30
N ARG A 33 3.78 -29.69 -18.66
CA ARG A 33 2.32 -29.79 -18.81
CA ARG A 33 2.33 -29.76 -18.80
C ARG A 33 1.90 -29.34 -20.21
N LEU A 34 2.48 -28.26 -20.72
CA LEU A 34 2.12 -27.83 -22.06
C LEU A 34 2.47 -28.85 -23.14
N ARG A 35 3.63 -29.50 -23.01
CA ARG A 35 4.05 -30.52 -23.98
C ARG A 35 3.08 -31.67 -24.06
N LYS A 36 2.35 -31.92 -22.98
CA LYS A 36 1.38 -33.01 -22.97
C LYS A 36 0.02 -32.62 -23.51
N ASN A 37 -0.19 -31.33 -23.71
CA ASN A 37 -1.46 -30.83 -24.21
C ASN A 37 -1.47 -31.01 -25.74
N PRO A 38 -2.40 -31.81 -26.28
CA PRO A 38 -2.30 -32.11 -27.72
C PRO A 38 -2.48 -30.90 -28.64
N ALA A 39 -3.05 -29.81 -28.13
CA ALA A 39 -3.31 -28.61 -28.93
C ALA A 39 -2.08 -27.72 -29.06
N VAL A 40 -1.07 -28.00 -28.27
CA VAL A 40 0.11 -27.15 -28.25
C VAL A 40 1.02 -27.56 -29.38
N GLN A 41 1.33 -26.58 -30.22
CA GLN A 41 2.13 -26.78 -31.40
C GLN A 41 3.60 -26.80 -31.04
N ALA A 42 4.39 -27.61 -31.74
CA ALA A 42 5.84 -27.55 -31.55
C ALA A 42 6.31 -26.14 -31.91
N GLY A 43 7.34 -25.68 -31.23
CA GLY A 43 7.90 -24.35 -31.50
C GLY A 43 7.15 -23.21 -30.85
N SER A 44 6.26 -23.52 -29.89
CA SER A 44 5.52 -22.48 -29.19
C SER A 44 6.41 -21.82 -28.14
N ILE A 45 6.09 -20.55 -27.85
CA ILE A 45 6.81 -19.78 -26.84
C ILE A 45 5.81 -19.13 -25.93
N VAL A 46 5.97 -19.35 -24.65
CA VAL A 46 5.18 -18.68 -23.63
C VAL A 46 5.69 -17.24 -23.50
N VAL A 47 4.79 -16.27 -23.57
CA VAL A 47 5.15 -14.85 -23.42
C VAL A 47 4.34 -14.22 -22.28
N LEU A 48 5.06 -13.80 -21.25
CA LEU A 48 4.49 -13.14 -20.10
C LEU A 48 5.02 -11.72 -19.97
N GLN A 49 4.14 -10.82 -19.57
CA GLN A 49 4.50 -9.43 -19.32
C GLN A 49 4.45 -9.16 -17.82
N GLY A 50 5.52 -8.62 -17.29
CA GLY A 50 5.53 -8.27 -15.90
C GLY A 50 4.75 -7.01 -15.58
N GLY A 51 4.59 -6.73 -14.28
CA GLY A 51 3.94 -5.50 -13.84
C GLY A 51 4.83 -4.32 -14.14
N GLU A 52 4.20 -3.17 -14.21
CA GLU A 52 4.89 -1.88 -14.44
C GLU A 52 4.69 -0.99 -13.20
N GLU A 53 5.59 -0.04 -13.04
CA GLU A 53 5.50 0.97 -11.98
C GLU A 53 4.24 1.80 -12.15
N THR A 54 3.58 2.12 -11.04
CA THR A 54 2.39 2.98 -11.03
C THR A 54 2.55 4.10 -10.04
N GLN A 55 1.74 5.15 -10.27
CA GLN A 55 1.61 6.29 -9.37
CA GLN A 55 1.62 6.26 -9.33
C GLN A 55 0.18 6.42 -8.88
N ARG A 56 -0.03 7.12 -7.78
CA ARG A 56 -1.37 7.42 -7.29
C ARG A 56 -2.09 8.36 -8.27
N TYR A 57 -3.19 7.93 -8.87
CA TYR A 57 -4.02 8.77 -9.73
C TYR A 57 -3.14 9.54 -10.73
N CYS A 58 -3.26 10.85 -10.81
CA CYS A 58 -2.45 11.65 -11.75
C CYS A 58 -1.26 12.34 -11.07
N THR A 59 -0.98 11.95 -9.82
CA THR A 59 0.13 12.52 -9.06
C THR A 59 1.44 11.88 -9.49
N ASP A 60 2.56 12.43 -8.99
CA ASP A 60 3.85 11.70 -9.21
C ASP A 60 4.22 10.98 -7.92
N THR A 61 3.23 10.58 -7.11
CA THR A 61 3.50 9.80 -5.93
C THR A 61 3.59 8.32 -6.29
N GLY A 62 4.80 7.77 -6.26
CA GLY A 62 4.95 6.39 -6.65
C GLY A 62 4.27 5.43 -5.67
N VAL A 63 3.71 4.36 -6.21
CA VAL A 63 3.21 3.25 -5.45
C VAL A 63 4.29 2.18 -5.41
N LEU A 64 4.50 1.59 -4.24
CA LEU A 64 5.50 0.54 -4.12
C LEU A 64 5.11 -0.63 -5.00
N PHE A 65 6.03 -1.04 -5.86
CA PHE A 65 5.78 -2.06 -6.83
C PHE A 65 5.86 -3.47 -6.24
N ARG A 66 4.82 -4.26 -6.53
CA ARG A 66 4.76 -5.66 -6.19
C ARG A 66 4.41 -6.40 -7.47
N GLN A 67 5.17 -7.42 -7.78
CA GLN A 67 5.12 -8.10 -9.07
C GLN A 67 3.76 -8.81 -9.29
N GLU A 68 3.36 -8.87 -10.56
CA GLU A 68 2.18 -9.61 -10.95
C GLU A 68 2.44 -11.11 -10.64
N SER A 69 1.42 -11.79 -10.16
CA SER A 69 1.57 -13.11 -9.55
C SER A 69 1.98 -14.22 -10.51
N PHE A 70 1.39 -14.29 -11.71
CA PHE A 70 1.81 -15.31 -12.68
C PHE A 70 3.27 -15.05 -13.08
N PHE A 71 3.64 -13.79 -13.30
CA PHE A 71 5.01 -13.48 -13.69
C PHE A 71 5.99 -13.88 -12.61
N HIS A 72 5.63 -13.60 -11.38
CA HIS A 72 6.44 -13.96 -10.23
C HIS A 72 6.59 -15.46 -10.13
N TRP A 73 5.50 -16.20 -10.28
CA TRP A 73 5.57 -17.66 -10.19
C TRP A 73 6.58 -18.25 -11.16
N ALA A 74 6.59 -17.69 -12.36
CA ALA A 74 7.50 -18.15 -13.41
C ALA A 74 8.93 -17.64 -13.31
N PHE A 75 9.15 -16.43 -12.77
CA PHE A 75 10.45 -15.79 -12.86
C PHE A 75 11.00 -15.21 -11.56
N GLY A 76 10.16 -14.90 -10.58
CA GLY A 76 10.67 -14.34 -9.32
C GLY A 76 11.28 -12.94 -9.43
N VAL A 77 10.93 -12.22 -10.48
CA VAL A 77 11.56 -10.93 -10.78
C VAL A 77 10.87 -9.83 -10.00
N THR A 78 11.69 -9.02 -9.34
CA THR A 78 11.18 -7.91 -8.50
C THR A 78 11.12 -6.55 -9.19
N GLU A 79 11.83 -6.38 -10.31
CA GLU A 79 11.90 -5.10 -11.00
C GLU A 79 10.70 -4.87 -11.90
N PRO A 80 10.18 -3.65 -11.96
CA PRO A 80 9.10 -3.34 -12.89
C PRO A 80 9.55 -3.25 -14.35
N GLY A 81 8.58 -3.41 -15.25
CA GLY A 81 8.81 -3.17 -16.67
C GLY A 81 9.44 -4.29 -17.46
N CYS A 82 9.48 -5.50 -16.91
CA CYS A 82 10.08 -6.65 -17.57
C CYS A 82 9.08 -7.49 -18.37
N TYR A 83 9.60 -8.33 -19.26
CA TYR A 83 8.82 -9.40 -19.91
C TYR A 83 9.61 -10.67 -19.70
N GLY A 84 8.98 -11.82 -19.90
CA GLY A 84 9.69 -13.08 -19.73
C GLY A 84 9.12 -14.08 -20.70
N VAL A 85 9.98 -14.83 -21.40
CA VAL A 85 9.49 -15.83 -22.32
C VAL A 85 10.14 -17.17 -22.09
N ILE A 86 9.42 -18.22 -22.46
CA ILE A 86 9.91 -19.58 -22.26
C ILE A 86 9.63 -20.34 -23.51
N ASP A 87 10.70 -20.92 -24.06
CA ASP A 87 10.54 -21.81 -25.21
C ASP A 87 9.97 -23.14 -24.72
N VAL A 88 8.79 -23.54 -25.21
CA VAL A 88 8.15 -24.70 -24.62
C VAL A 88 8.94 -25.96 -24.86
N ASP A 89 9.48 -26.12 -26.07
CA ASP A 89 10.13 -27.37 -26.42
C ASP A 89 11.45 -27.60 -25.70
N THR A 90 12.21 -26.53 -25.50
CA THR A 90 13.51 -26.65 -24.84
C THR A 90 13.52 -26.28 -23.35
N GLY A 91 12.51 -25.54 -22.87
CA GLY A 91 12.54 -24.99 -21.53
C GLY A 91 13.38 -23.72 -21.37
N LYS A 92 14.02 -23.27 -22.46
CA LYS A 92 14.90 -22.12 -22.36
C LYS A 92 14.16 -20.85 -22.00
N SER A 93 14.69 -20.08 -21.05
CA SER A 93 14.05 -18.88 -20.56
C SER A 93 14.83 -17.62 -20.97
N THR A 94 14.09 -16.58 -21.36
CA THR A 94 14.71 -15.29 -21.66
C THR A 94 13.96 -14.21 -20.90
N LEU A 95 14.71 -13.44 -20.13
CA LEU A 95 14.16 -12.31 -19.39
C LEU A 95 14.48 -11.03 -20.18
N PHE A 96 13.47 -10.18 -20.35
CA PHE A 96 13.63 -8.89 -20.97
C PHE A 96 13.52 -7.80 -19.91
N VAL A 97 14.55 -6.96 -19.85
CA VAL A 97 14.66 -5.90 -18.86
C VAL A 97 14.69 -4.56 -19.55
N PRO A 98 14.19 -3.51 -18.87
CA PRO A 98 14.23 -2.19 -19.49
C PRO A 98 15.67 -1.70 -19.72
N ARG A 99 15.87 -1.09 -20.89
CA ARG A 99 17.10 -0.38 -21.20
C ARG A 99 16.96 1.00 -20.56
N LEU A 100 17.71 1.23 -19.48
CA LEU A 100 17.59 2.46 -18.72
C LEU A 100 18.53 3.58 -19.16
N PRO A 101 18.03 4.82 -19.13
CA PRO A 101 18.82 6.02 -19.41
C PRO A 101 19.87 6.28 -18.31
N ALA A 102 20.89 7.04 -18.66
CA ALA A 102 21.99 7.30 -17.74
C ALA A 102 21.52 7.94 -16.42
N SER A 103 20.50 8.78 -16.50
CA SER A 103 19.98 9.48 -15.31
C SER A 103 19.38 8.52 -14.26
N HIS A 104 19.13 7.29 -14.64
CA HIS A 104 18.58 6.38 -13.64
C HIS A 104 19.63 6.22 -12.52
N ALA A 105 20.88 6.47 -12.90
CA ALA A 105 21.99 6.31 -11.97
C ALA A 105 21.90 7.35 -10.87
N THR A 106 21.40 8.52 -11.21
CA THR A 106 21.24 9.56 -10.23
C THR A 106 20.06 9.34 -9.30
N TRP A 107 18.92 8.97 -9.86
CA TRP A 107 17.67 8.93 -9.06
C TRP A 107 17.29 7.60 -8.47
N MET A 108 17.60 6.51 -9.19
CA MET A 108 17.07 5.20 -8.83
C MET A 108 18.13 4.17 -8.40
N GLY A 109 19.36 4.36 -8.85
CA GLY A 109 20.44 3.48 -8.48
C GLY A 109 21.24 2.88 -9.61
N LYS A 110 22.03 1.85 -9.29
CA LYS A 110 22.97 1.27 -10.26
C LYS A 110 22.25 0.78 -11.51
N ILE A 111 22.80 1.09 -12.68
CA ILE A 111 22.25 0.54 -13.92
CA ILE A 111 22.29 0.55 -13.94
C ILE A 111 22.93 -0.80 -14.15
N HIS A 112 22.25 -1.83 -13.67
CA HIS A 112 22.79 -3.18 -13.77
C HIS A 112 22.87 -3.65 -15.24
N SER A 113 23.92 -4.39 -15.53
CA SER A 113 24.10 -5.00 -16.85
C SER A 113 23.11 -6.17 -17.05
N LYS A 114 22.94 -6.57 -18.31
CA LYS A 114 22.15 -7.78 -18.61
C LYS A 114 22.75 -9.02 -17.95
N GLU A 115 24.07 -9.11 -17.94
CA GLU A 115 24.74 -10.24 -17.31
C GLU A 115 24.42 -10.27 -15.81
N HIS A 116 24.33 -9.10 -15.17
CA HIS A 116 23.96 -9.05 -13.74
C HIS A 116 22.61 -9.72 -13.52
N PHE A 117 21.64 -9.40 -14.39
CA PHE A 117 20.30 -9.97 -14.24
C PHE A 117 20.30 -11.46 -14.58
N LYS A 118 21.10 -11.87 -15.55
CA LYS A 118 21.15 -13.30 -15.92
C LYS A 118 21.61 -14.12 -14.73
N GLU A 119 22.66 -13.61 -14.07
CA GLU A 119 23.20 -14.26 -12.88
C GLU A 119 22.23 -14.22 -11.72
N LYS A 120 21.56 -13.07 -11.54
CA LYS A 120 20.64 -12.88 -10.42
C LYS A 120 19.47 -13.86 -10.47
N TYR A 121 18.93 -14.03 -11.66
CA TYR A 121 17.66 -14.77 -11.82
C TYR A 121 17.85 -16.18 -12.38
N ALA A 122 19.07 -16.52 -12.76
CA ALA A 122 19.44 -17.84 -13.30
C ALA A 122 18.52 -18.24 -14.45
N VAL A 123 18.34 -17.30 -15.37
CA VAL A 123 17.67 -17.54 -16.65
C VAL A 123 18.72 -17.82 -17.73
N ASP A 124 18.30 -18.33 -18.88
CA ASP A 124 19.23 -18.70 -19.93
C ASP A 124 19.77 -17.52 -20.69
N ASP A 125 19.01 -16.45 -20.78
CA ASP A 125 19.42 -15.27 -21.57
C ASP A 125 18.68 -14.04 -21.06
N VAL A 126 19.31 -12.87 -21.23
CA VAL A 126 18.71 -11.60 -20.88
C VAL A 126 18.86 -10.67 -22.08
N GLN A 127 17.79 -9.98 -22.42
CA GLN A 127 17.77 -9.00 -23.51
C GLN A 127 17.03 -7.76 -23.05
N TYR A 128 17.12 -6.66 -23.80
CA TYR A 128 16.30 -5.48 -23.46
C TYR A 128 14.89 -5.56 -24.03
N VAL A 129 13.95 -4.99 -23.30
CA VAL A 129 12.55 -4.96 -23.66
C VAL A 129 12.32 -4.40 -25.07
N ASP A 130 13.07 -3.38 -25.48
CA ASP A 130 12.87 -2.77 -26.80
C ASP A 130 13.32 -3.72 -27.93
N GLU A 131 13.98 -4.81 -27.59
CA GLU A 131 14.39 -5.82 -28.59
C GLU A 131 13.47 -7.04 -28.64
N ILE A 132 12.36 -7.06 -27.89
CA ILE A 132 11.61 -8.30 -27.77
C ILE A 132 11.06 -8.77 -29.14
N ALA A 133 10.53 -7.87 -29.98
CA ALA A 133 10.00 -8.34 -31.27
C ALA A 133 11.11 -8.94 -32.14
N SER A 134 12.26 -8.28 -32.17
CA SER A 134 13.40 -8.77 -32.95
C SER A 134 13.88 -10.12 -32.45
N VAL A 135 13.97 -10.26 -31.14
CA VAL A 135 14.49 -11.50 -30.56
C VAL A 135 13.49 -12.64 -30.84
N LEU A 136 12.21 -12.40 -30.62
CA LEU A 136 11.22 -13.44 -30.89
C LEU A 136 11.16 -13.79 -32.37
N THR A 137 11.31 -12.80 -33.24
CA THR A 137 11.30 -13.10 -34.67
C THR A 137 12.44 -14.06 -35.05
N SER A 138 13.63 -13.84 -34.53
CA SER A 138 14.77 -14.66 -34.89
C SER A 138 14.58 -16.10 -34.42
N GLN A 139 13.69 -16.32 -33.46
CA GLN A 139 13.42 -17.68 -32.99
C GLN A 139 12.38 -18.39 -33.84
N LYS A 140 11.71 -17.66 -34.71
CA LYS A 140 10.77 -18.27 -35.63
C LYS A 140 9.75 -19.18 -34.90
N PRO A 141 9.04 -18.64 -33.88
CA PRO A 141 8.07 -19.49 -33.16
C PRO A 141 6.90 -19.88 -34.01
N SER A 142 6.25 -20.98 -33.73
CA SER A 142 5.01 -21.31 -34.44
C SER A 142 3.92 -20.37 -33.91
N VAL A 143 3.85 -20.29 -32.61
CA VAL A 143 2.81 -19.52 -31.95
C VAL A 143 3.34 -18.94 -30.61
N LEU A 144 2.90 -17.73 -30.26
CA LEU A 144 3.09 -17.17 -28.94
C LEU A 144 1.91 -17.55 -28.06
N LEU A 145 2.18 -18.13 -26.90
CA LEU A 145 1.14 -18.48 -25.92
C LEU A 145 1.09 -17.39 -24.87
N THR A 146 0.00 -16.62 -24.85
CA THR A 146 -0.18 -15.57 -23.86
C THR A 146 -1.27 -15.92 -22.86
N LEU A 147 -1.36 -15.09 -21.82
CA LEU A 147 -2.05 -15.40 -20.62
C LEU A 147 -3.31 -14.56 -20.54
N ARG A 148 -4.45 -15.20 -20.75
CA ARG A 148 -5.77 -14.55 -20.61
C ARG A 148 -6.77 -15.55 -20.04
N GLY A 149 -7.44 -15.16 -18.98
CA GLY A 149 -8.44 -15.99 -18.33
C GLY A 149 -9.12 -15.24 -17.23
N VAL A 150 -10.11 -15.89 -16.59
CA VAL A 150 -10.90 -15.25 -15.56
C VAL A 150 -10.55 -15.77 -14.19
N ASN A 151 -10.26 -14.85 -13.29
CA ASN A 151 -10.03 -15.23 -11.92
C ASN A 151 -11.38 -15.50 -11.28
N THR A 152 -11.53 -16.65 -10.62
CA THR A 152 -12.83 -17.07 -10.15
C THR A 152 -13.23 -16.49 -8.77
N ASP A 153 -12.32 -15.72 -8.16
CA ASP A 153 -12.63 -14.97 -6.95
C ASP A 153 -12.98 -13.50 -7.27
N SER A 154 -12.17 -12.88 -8.14
CA SER A 154 -12.39 -11.45 -8.44
C SER A 154 -13.37 -11.21 -9.60
N GLY A 155 -13.44 -12.19 -10.50
CA GLY A 155 -14.16 -12.05 -11.75
C GLY A 155 -13.39 -11.27 -12.80
N SER A 156 -12.18 -10.81 -12.45
CA SER A 156 -11.37 -10.03 -13.40
C SER A 156 -10.78 -10.89 -14.50
N VAL A 157 -10.62 -10.27 -15.66
CA VAL A 157 -9.93 -10.90 -16.77
C VAL A 157 -8.46 -10.55 -16.69
N CYS A 158 -7.62 -11.57 -16.62
CA CYS A 158 -6.18 -11.36 -16.65
C CYS A 158 -5.82 -10.89 -18.04
N ARG A 159 -5.05 -9.81 -18.12
CA ARG A 159 -4.73 -9.18 -19.41
C ARG A 159 -3.46 -9.77 -20.02
N GLU A 160 -3.53 -10.14 -21.30
CA GLU A 160 -2.42 -10.82 -21.91
C GLU A 160 -1.31 -9.84 -22.28
N ALA A 161 -0.13 -10.40 -22.40
CA ALA A 161 1.02 -9.63 -22.82
C ALA A 161 0.81 -9.00 -24.18
N SER A 162 1.40 -7.83 -24.36
CA SER A 162 1.43 -7.14 -25.62
C SER A 162 2.77 -6.39 -25.72
N PHE A 163 3.27 -6.27 -26.94
CA PHE A 163 4.45 -5.47 -27.22
C PHE A 163 4.33 -4.97 -28.64
N ASP A 164 5.12 -3.95 -28.95
CA ASP A 164 5.14 -3.40 -30.30
C ASP A 164 5.66 -4.45 -31.28
N GLY A 165 4.79 -4.84 -32.20
CA GLY A 165 5.08 -5.82 -33.22
C GLY A 165 4.44 -7.18 -32.96
N ILE A 166 3.71 -7.35 -31.85
CA ILE A 166 3.16 -8.67 -31.55
C ILE A 166 2.14 -9.07 -32.60
N SER A 167 1.53 -8.08 -33.26
CA SER A 167 0.54 -8.32 -34.32
C SER A 167 1.10 -9.13 -35.49
N LYS A 168 2.42 -9.17 -35.62
CA LYS A 168 3.04 -9.93 -36.69
C LYS A 168 3.20 -11.41 -36.37
N PHE A 169 2.85 -11.80 -35.16
CA PHE A 169 2.95 -13.21 -34.73
C PHE A 169 1.59 -13.86 -34.68
N GLU A 170 1.61 -15.19 -34.76
CA GLU A 170 0.45 -15.98 -34.44
C GLU A 170 0.40 -16.06 -32.92
N VAL A 171 -0.72 -15.63 -32.33
CA VAL A 171 -0.92 -15.62 -30.89
C VAL A 171 -2.14 -16.44 -30.44
N ASN A 172 -1.94 -17.25 -29.41
CA ASN A 172 -3.00 -18.02 -28.79
C ASN A 172 -3.13 -17.55 -27.37
N ASN A 173 -4.34 -17.18 -26.95
CA ASN A 173 -4.52 -16.69 -25.59
C ASN A 173 -5.47 -17.51 -24.76
N THR A 174 -5.73 -18.74 -25.20
CA THR A 174 -6.66 -19.62 -24.46
C THR A 174 -5.99 -20.79 -23.77
N ILE A 175 -4.92 -21.33 -24.36
CA ILE A 175 -4.30 -22.55 -23.84
C ILE A 175 -3.60 -22.37 -22.51
N LEU A 176 -2.82 -21.30 -22.40
CA LEU A 176 -1.91 -21.15 -21.28
C LEU A 176 -2.59 -21.01 -19.91
N HIS A 177 -3.61 -20.17 -19.79
CA HIS A 177 -4.13 -19.81 -18.48
C HIS A 177 -4.52 -21.07 -17.67
N PRO A 178 -5.34 -21.99 -18.21
CA PRO A 178 -5.69 -23.15 -17.35
C PRO A 178 -4.49 -24.04 -16.98
N GLU A 179 -3.48 -24.07 -17.84
CA GLU A 179 -2.30 -24.88 -17.60
C GLU A 179 -1.39 -24.30 -16.51
N ILE A 180 -1.03 -23.03 -16.57
CA ILE A 180 -0.24 -22.44 -15.53
C ILE A 180 -0.99 -22.38 -14.20
N VAL A 181 -2.30 -22.12 -14.24
CA VAL A 181 -3.09 -22.18 -13.02
C VAL A 181 -2.96 -23.59 -12.37
N GLU A 182 -3.12 -24.65 -13.16
CA GLU A 182 -3.09 -26.00 -12.61
C GLU A 182 -1.69 -26.29 -12.02
N CYS A 183 -0.63 -25.74 -12.62
CA CYS A 183 0.71 -25.92 -12.00
C CYS A 183 0.78 -25.20 -10.66
N GLN A 184 0.21 -23.99 -10.58
CA GLN A 184 0.29 -23.21 -9.36
C GLN A 184 -0.46 -23.89 -8.22
N VAL A 185 -1.51 -24.65 -8.54
CA VAL A 185 -2.31 -25.31 -7.51
C VAL A 185 -1.46 -26.26 -6.68
N PHE A 186 -0.44 -26.87 -7.29
CA PHE A 186 0.34 -27.91 -6.59
C PHE A 186 1.71 -27.34 -6.23
N LYS A 187 1.98 -27.20 -4.94
CA LYS A 187 3.21 -26.52 -4.55
C LYS A 187 4.40 -27.49 -4.53
N THR A 188 5.53 -27.00 -5.02
CA THR A 188 6.75 -27.76 -5.00
C THR A 188 7.32 -27.72 -3.59
N ASP A 189 8.29 -28.59 -3.29
CA ASP A 189 8.89 -28.59 -1.96
C ASP A 189 9.59 -27.26 -1.73
N MET A 190 10.16 -26.67 -2.77
CA MET A 190 10.79 -25.35 -2.58
C MET A 190 9.74 -24.29 -2.20
N GLU A 191 8.59 -24.28 -2.87
CA GLU A 191 7.52 -23.36 -2.51
C GLU A 191 7.03 -23.64 -1.12
N LEU A 192 6.91 -24.92 -0.74
CA LEU A 192 6.46 -25.23 0.62
C LEU A 192 7.42 -24.67 1.67
N GLU A 193 8.72 -24.66 1.42
CA GLU A 193 9.66 -24.07 2.36
C GLU A 193 9.37 -22.59 2.59
N VAL A 194 8.98 -21.86 1.53
CA VAL A 194 8.65 -20.45 1.70
C VAL A 194 7.36 -20.26 2.51
N LEU A 195 6.36 -21.10 2.26
CA LEU A 195 5.06 -21.04 2.98
C LEU A 195 5.21 -21.49 4.44
N ARG A 196 6.15 -22.38 4.74
CA ARG A 196 6.48 -22.67 6.13
C ARG A 196 7.05 -21.42 6.79
N TYR A 197 7.88 -20.68 6.08
CA TYR A 197 8.52 -19.50 6.62
C TYR A 197 7.49 -18.39 6.83
N THR A 198 6.61 -18.13 5.85
CA THR A 198 5.65 -17.03 6.00
C THR A 198 4.75 -17.33 7.19
N ASN A 199 4.38 -18.62 7.33
CA ASN A 199 3.59 -19.03 8.52
C ASN A 199 4.38 -18.90 9.81
N LYS A 200 5.67 -19.19 9.80
CA LYS A 200 6.46 -19.02 11.00
C LYS A 200 6.50 -17.57 11.47
N ILE A 201 6.83 -16.66 10.58
CA ILE A 201 6.95 -15.27 10.98
C ILE A 201 5.57 -14.73 11.37
N SER A 202 4.54 -14.98 10.58
CA SER A 202 3.25 -14.46 10.90
C SER A 202 2.70 -15.05 12.23
N SER A 203 3.05 -16.30 12.50
CA SER A 203 2.63 -16.93 13.79
C SER A 203 3.33 -16.24 14.96
N GLU A 204 4.62 -15.92 14.80
CA GLU A 204 5.36 -15.17 15.82
C GLU A 204 4.75 -13.81 16.02
N ALA A 205 4.36 -13.18 14.92
CA ALA A 205 3.78 -11.85 15.01
C ALA A 205 2.41 -11.87 15.69
N HIS A 206 1.61 -12.87 15.38
CA HIS A 206 0.31 -13.04 16.08
C HIS A 206 0.50 -13.23 17.58
N ARG A 207 1.52 -14.01 17.97
CA ARG A 207 1.81 -14.21 19.39
CA ARG A 207 1.85 -14.19 19.39
C ARG A 207 2.26 -12.88 20.03
N GLU A 208 3.09 -12.08 19.36
CA GLU A 208 3.45 -10.78 19.94
C GLU A 208 2.24 -9.85 20.09
N VAL A 209 1.30 -9.91 19.15
CA VAL A 209 0.12 -9.08 19.20
C VAL A 209 -0.76 -9.53 20.42
N MET A 210 -0.93 -10.82 20.58
CA MET A 210 -1.70 -11.33 21.71
CA MET A 210 -1.66 -11.37 21.71
C MET A 210 -1.07 -10.93 23.04
N LYS A 211 0.26 -10.90 23.12
CA LYS A 211 0.94 -10.45 24.34
C LYS A 211 0.82 -8.95 24.58
N ALA A 212 0.68 -8.18 23.49
CA ALA A 212 0.66 -6.72 23.55
C ALA A 212 -0.73 -6.10 23.74
N VAL A 213 -1.78 -6.80 23.36
CA VAL A 213 -3.12 -6.22 23.43
CA VAL A 213 -3.11 -6.21 23.40
C VAL A 213 -3.48 -5.82 24.83
N LYS A 214 -3.99 -4.59 24.95
CA LYS A 214 -4.50 -4.06 26.21
C LYS A 214 -5.83 -3.40 25.94
N VAL A 215 -6.74 -3.55 26.88
CA VAL A 215 -7.96 -2.77 26.84
C VAL A 215 -7.58 -1.27 26.72
N GLY A 216 -8.29 -0.56 25.84
CA GLY A 216 -8.08 0.87 25.65
C GLY A 216 -7.28 1.18 24.41
N MET A 217 -6.58 0.20 23.86
CA MET A 217 -5.86 0.40 22.59
C MET A 217 -6.82 0.47 21.42
N LYS A 218 -6.43 1.18 20.38
CA LYS A 218 -7.09 1.11 19.09
C LYS A 218 -6.68 -0.17 18.35
N GLU A 219 -7.64 -0.73 17.61
CA GLU A 219 -7.38 -1.91 16.76
C GLU A 219 -6.16 -1.73 15.88
N TYR A 220 -6.01 -0.54 15.32
CA TYR A 220 -4.92 -0.35 14.35
C TYR A 220 -3.54 -0.37 15.00
N GLU A 221 -3.46 -0.15 16.32
CA GLU A 221 -2.15 -0.26 16.99
C GLU A 221 -1.60 -1.69 16.86
N LEU A 222 -2.50 -2.68 16.85
CA LEU A 222 -2.09 -4.08 16.66
C LEU A 222 -1.79 -4.42 15.20
N GLU A 223 -2.53 -3.83 14.27
CA GLU A 223 -2.19 -3.92 12.86
C GLU A 223 -0.76 -3.41 12.63
N SER A 224 -0.46 -2.25 13.20
CA SER A 224 0.86 -1.65 13.05
C SER A 224 1.97 -2.54 13.62
N LEU A 225 1.73 -3.08 14.82
CA LEU A 225 2.69 -3.94 15.48
C LEU A 225 2.92 -5.20 14.66
N PHE A 226 1.85 -5.81 14.17
CA PHE A 226 1.96 -7.00 13.37
C PHE A 226 2.83 -6.77 12.15
N GLU A 227 2.56 -5.67 11.41
CA GLU A 227 3.28 -5.43 10.20
C GLU A 227 4.75 -5.05 10.48
N HIS A 228 5.00 -4.38 11.59
CA HIS A 228 6.37 -4.05 12.00
C HIS A 228 7.15 -5.29 12.37
N TYR A 229 6.53 -6.21 13.09
CA TYR A 229 7.21 -7.49 13.37
C TYR A 229 7.55 -8.21 12.05
N CYS A 230 6.57 -8.31 11.17
CA CYS A 230 6.77 -9.04 9.92
C CYS A 230 7.83 -8.45 9.04
N TYR A 231 7.89 -7.13 8.98
CA TYR A 231 8.90 -6.47 8.12
C TYR A 231 10.26 -6.50 8.80
N SER A 232 10.35 -5.95 10.00
CA SER A 232 11.68 -5.83 10.64
C SER A 232 12.31 -7.19 10.95
N ARG A 233 11.54 -8.18 11.34
CA ARG A 233 12.07 -9.50 11.69
C ARG A 233 11.96 -10.50 10.56
N GLY A 234 10.95 -10.35 9.72
CA GLY A 234 10.74 -11.29 8.66
C GLY A 234 11.14 -10.87 7.28
N GLY A 235 11.44 -9.58 7.10
CA GLY A 235 11.70 -9.08 5.76
C GLY A 235 10.47 -8.95 4.89
N MET A 236 9.30 -9.00 5.50
CA MET A 236 8.01 -8.91 4.78
C MET A 236 7.59 -7.46 4.59
N ARG A 237 7.93 -6.86 3.44
CA ARG A 237 7.60 -5.46 3.21
C ARG A 237 6.09 -5.26 3.02
N HIS A 238 5.46 -6.28 2.45
CA HIS A 238 4.01 -6.32 2.22
C HIS A 238 3.28 -7.27 3.15
N SER A 239 2.00 -6.94 3.41
CA SER A 239 1.11 -7.96 3.90
C SER A 239 0.45 -8.67 2.73
N SER A 240 -0.07 -9.86 2.99
CA SER A 240 -0.76 -10.64 1.97
C SER A 240 -2.17 -10.08 1.61
N TYR A 241 -2.71 -9.28 2.52
CA TYR A 241 -4.05 -8.67 2.42
C TYR A 241 -4.11 -7.63 3.53
N THR A 242 -5.04 -6.70 3.41
CA THR A 242 -5.22 -5.72 4.46
C THR A 242 -5.57 -6.39 5.78
N CYS A 243 -4.84 -6.07 6.83
CA CYS A 243 -5.11 -6.62 8.16
C CYS A 243 -6.54 -6.37 8.63
N ILE A 244 -7.15 -7.45 9.15
CA ILE A 244 -8.47 -7.40 9.72
C ILE A 244 -8.34 -7.45 11.24
N CYS A 245 -8.55 -6.35 11.94
CA CYS A 245 -8.37 -6.30 13.39
C CYS A 245 -9.68 -5.95 14.05
N GLY A 246 -10.59 -6.91 14.08
CA GLY A 246 -11.95 -6.65 14.53
C GLY A 246 -12.12 -6.91 15.99
N SER A 247 -12.50 -5.89 16.74
CA SER A 247 -12.81 -6.06 18.15
C SER A 247 -14.30 -5.85 18.45
N GLY A 248 -14.79 -6.50 19.50
CA GLY A 248 -16.19 -6.35 19.86
C GLY A 248 -17.09 -6.77 18.71
N GLU A 249 -18.14 -6.00 18.46
CA GLU A 249 -19.05 -6.40 17.40
C GLU A 249 -18.39 -6.38 16.01
N ASN A 250 -17.25 -5.69 15.88
CA ASN A 250 -16.57 -5.70 14.59
C ASN A 250 -16.01 -7.08 14.22
N SER A 251 -15.89 -7.99 15.19
CA SER A 251 -15.40 -9.34 14.87
C SER A 251 -16.45 -10.13 14.08
N ALA A 252 -17.71 -9.62 14.02
CA ALA A 252 -18.76 -10.23 13.17
C ALA A 252 -18.77 -9.66 11.75
N VAL A 253 -17.95 -8.64 11.52
CA VAL A 253 -17.87 -7.99 10.20
C VAL A 253 -16.72 -8.64 9.44
N LEU A 254 -17.15 -9.45 8.48
N LEU A 254 -17.00 -9.47 8.41
CA LEU A 254 -16.23 -10.26 7.75
CA LEU A 254 -15.96 -10.44 7.93
C LEU A 254 -15.35 -9.36 6.92
C LEU A 254 -14.64 -9.93 7.25
N HIS A 255 -15.91 -8.30 6.35
N HIS A 255 -14.71 -8.82 6.51
CA HIS A 255 -15.12 -7.38 5.55
CA HIS A 255 -13.51 -8.22 5.91
C HIS A 255 -14.91 -6.18 6.43
C HIS A 255 -13.33 -6.82 6.51
N TYR A 256 -13.95 -6.30 7.33
N TYR A 256 -13.57 -6.72 7.82
CA TYR A 256 -13.51 -5.26 8.26
CA TYR A 256 -13.35 -5.49 8.55
C TYR A 256 -12.04 -4.93 8.00
C TYR A 256 -11.91 -4.99 8.35
N GLY A 257 -11.69 -3.68 8.30
CA GLY A 257 -10.33 -3.17 8.23
C GLY A 257 -10.02 -2.35 7.00
N HIS A 258 -10.89 -2.42 6.01
CA HIS A 258 -10.67 -1.72 4.75
C HIS A 258 -10.93 -0.22 5.00
N ALA A 259 -10.75 0.60 3.97
CA ALA A 259 -10.81 2.04 4.11
C ALA A 259 -12.12 2.55 4.70
N GLY A 260 -13.25 1.86 4.43
CA GLY A 260 -14.52 2.23 5.00
C GLY A 260 -14.76 1.86 6.46
N ALA A 261 -13.90 1.01 7.02
CA ALA A 261 -14.04 0.54 8.40
C ALA A 261 -12.64 0.24 8.91
N PRO A 262 -11.83 1.30 9.07
CA PRO A 262 -10.37 1.15 9.08
C PRO A 262 -9.70 0.83 10.43
N ASN A 263 -10.14 -0.24 11.05
CA ASN A 263 -9.52 -0.69 12.30
C ASN A 263 -9.42 0.42 13.31
N ASP A 264 -10.49 1.21 13.45
CA ASP A 264 -10.42 2.41 14.25
C ASP A 264 -11.28 2.40 15.51
N ARG A 265 -11.66 1.22 15.99
CA ARG A 265 -12.42 1.10 17.23
C ARG A 265 -11.52 0.85 18.43
N THR A 266 -11.87 1.46 19.56
CA THR A 266 -11.19 1.20 20.84
C THR A 266 -11.62 -0.14 21.42
N ILE A 267 -10.61 -0.96 21.76
CA ILE A 267 -10.82 -2.26 22.36
C ILE A 267 -11.29 -2.05 23.80
N GLN A 268 -12.40 -2.72 24.13
CA GLN A 268 -13.04 -2.57 25.44
CA GLN A 268 -13.01 -2.55 25.45
C GLN A 268 -12.93 -3.86 26.23
N ASN A 269 -12.98 -3.71 27.54
CA ASN A 269 -13.07 -4.84 28.46
C ASN A 269 -14.28 -5.69 28.10
N GLY A 270 -14.06 -6.99 27.97
CA GLY A 270 -15.12 -7.93 27.61
C GLY A 270 -15.24 -8.21 26.12
N ASP A 271 -14.55 -7.44 25.27
CA ASP A 271 -14.57 -7.71 23.85
C ASP A 271 -13.89 -9.01 23.49
N MET A 272 -14.39 -9.65 22.43
CA MET A 272 -13.60 -10.63 21.70
C MET A 272 -12.81 -9.86 20.61
N CYS A 273 -11.63 -10.36 20.29
CA CYS A 273 -10.84 -9.89 19.19
C CYS A 273 -10.76 -11.00 18.15
N LEU A 274 -10.88 -10.63 16.90
CA LEU A 274 -10.69 -11.54 15.80
C LEU A 274 -9.72 -10.84 14.87
N PHE A 275 -8.47 -11.32 14.88
CA PHE A 275 -7.39 -10.70 14.12
C PHE A 275 -6.90 -11.62 13.00
N ASP A 276 -7.16 -11.24 11.77
CA ASP A 276 -6.85 -12.00 10.57
C ASP A 276 -5.76 -11.19 9.86
N MET A 277 -4.53 -11.68 9.95
CA MET A 277 -3.33 -10.98 9.46
C MET A 277 -2.33 -11.99 8.95
N GLY A 278 -1.60 -11.63 7.89
CA GLY A 278 -0.61 -12.51 7.31
C GLY A 278 0.38 -11.75 6.47
N GLY A 279 1.64 -11.81 6.88
CA GLY A 279 2.70 -11.20 6.09
C GLY A 279 2.98 -11.94 4.81
N GLU A 280 3.55 -11.20 3.86
CA GLU A 280 3.93 -11.72 2.55
C GLU A 280 5.45 -11.64 2.45
N TYR A 281 6.11 -12.73 2.05
CA TYR A 281 7.56 -12.75 1.80
C TYR A 281 7.82 -13.11 0.35
N TYR A 282 8.49 -12.19 -0.35
CA TYR A 282 8.89 -12.45 -1.73
C TYR A 282 7.67 -12.95 -2.53
N CYS A 283 6.54 -12.25 -2.37
CA CYS A 283 5.27 -12.58 -3.03
C CYS A 283 4.70 -13.95 -2.74
N PHE A 284 5.04 -14.50 -1.60
CA PHE A 284 4.36 -15.67 -1.10
C PHE A 284 3.55 -15.33 0.15
N ALA A 285 2.32 -15.85 0.20
CA ALA A 285 1.38 -15.47 1.25
C ALA A 285 1.49 -16.24 2.58
N SER A 286 0.85 -15.67 3.59
CA SER A 286 0.35 -16.40 4.77
C SER A 286 -1.00 -15.79 5.12
N ASP A 287 -1.79 -16.54 5.87
CA ASP A 287 -3.16 -16.15 6.10
C ASP A 287 -3.62 -16.81 7.40
N ILE A 288 -3.57 -16.05 8.49
CA ILE A 288 -3.83 -16.62 9.82
C ILE A 288 -4.82 -15.78 10.60
N THR A 289 -5.75 -16.42 11.27
CA THR A 289 -6.68 -15.71 12.15
C THR A 289 -6.55 -16.31 13.54
N CYS A 290 -6.37 -15.42 14.51
CA CYS A 290 -6.39 -15.72 15.94
C CYS A 290 -7.60 -15.00 16.56
N SER A 291 -8.34 -15.70 17.41
CA SER A 291 -9.46 -15.14 18.14
C SER A 291 -9.20 -15.31 19.63
N PHE A 292 -9.50 -14.27 20.40
CA PHE A 292 -9.16 -14.25 21.83
C PHE A 292 -9.87 -13.10 22.55
N PRO A 293 -10.06 -13.23 23.84
CA PRO A 293 -10.64 -12.14 24.62
C PRO A 293 -9.63 -11.03 24.82
N ALA A 294 -10.09 -9.79 24.61
CA ALA A 294 -9.22 -8.63 24.80
C ALA A 294 -8.55 -8.59 26.16
N ASN A 295 -9.27 -8.98 27.21
CA ASN A 295 -8.77 -8.84 28.55
C ASN A 295 -8.07 -10.09 29.01
N GLY A 296 -7.83 -11.03 28.09
CA GLY A 296 -7.08 -12.21 28.43
C GLY A 296 -7.79 -13.34 29.14
N LYS A 297 -9.08 -13.16 29.42
CA LYS A 297 -9.81 -14.24 30.09
C LYS A 297 -11.15 -14.49 29.43
N PHE A 298 -11.34 -15.71 28.89
CA PHE A 298 -12.63 -16.06 28.27
C PHE A 298 -13.75 -16.08 29.31
N THR A 299 -14.86 -15.44 29.00
CA THR A 299 -16.08 -15.63 29.76
C THR A 299 -16.67 -16.99 29.38
N ALA A 300 -17.73 -17.40 30.06
CA ALA A 300 -18.34 -18.69 29.75
C ALA A 300 -18.91 -18.70 28.34
N ASP A 301 -19.60 -17.63 27.95
CA ASP A 301 -20.16 -17.59 26.62
C ASP A 301 -19.04 -17.58 25.55
N GLN A 302 -17.98 -16.80 25.81
CA GLN A 302 -16.88 -16.74 24.88
C GLN A 302 -16.16 -18.09 24.75
N LYS A 303 -15.96 -18.79 25.87
CA LYS A 303 -15.38 -20.12 25.82
C LYS A 303 -16.22 -21.10 24.99
N ALA A 304 -17.54 -21.05 25.15
CA ALA A 304 -18.42 -21.96 24.43
C ALA A 304 -18.38 -21.73 22.92
N VAL A 305 -18.48 -20.48 22.50
CA VAL A 305 -18.41 -20.20 21.06
C VAL A 305 -17.03 -20.56 20.52
N TYR A 306 -15.98 -20.13 21.22
CA TYR A 306 -14.63 -20.38 20.78
C TYR A 306 -14.36 -21.89 20.65
N GLU A 307 -14.76 -22.68 21.64
CA GLU A 307 -14.43 -24.10 21.64
C GLU A 307 -15.24 -24.85 20.56
N ALA A 308 -16.38 -24.26 20.17
CA ALA A 308 -17.16 -24.82 19.05
C ALA A 308 -16.36 -24.73 17.76
N VAL A 309 -15.73 -23.57 17.52
CA VAL A 309 -14.92 -23.36 16.31
C VAL A 309 -13.64 -24.17 16.42
N LEU A 310 -13.07 -24.31 17.61
CA LEU A 310 -11.87 -25.16 17.79
C LEU A 310 -12.23 -26.61 17.43
N ARG A 311 -13.43 -27.04 17.83
CA ARG A 311 -13.89 -28.39 17.50
C ARG A 311 -14.00 -28.61 15.99
N SER A 312 -14.66 -27.70 15.26
CA SER A 312 -14.72 -27.90 13.83
C SER A 312 -13.38 -27.78 13.15
N SER A 313 -12.55 -26.85 13.60
CA SER A 313 -11.20 -26.72 13.07
C SER A 313 -10.46 -28.05 13.10
N ARG A 314 -10.44 -28.66 14.27
CA ARG A 314 -9.65 -29.86 14.47
CA ARG A 314 -9.63 -29.86 14.42
C ARG A 314 -10.32 -31.07 13.80
N ALA A 315 -11.67 -31.06 13.74
CA ALA A 315 -12.35 -32.17 13.07
C ALA A 315 -12.02 -32.13 11.56
N VAL A 316 -12.09 -30.93 10.98
CA VAL A 316 -11.79 -30.81 9.56
C VAL A 316 -10.33 -31.20 9.28
N MET A 317 -9.37 -30.67 10.04
CA MET A 317 -7.98 -31.00 9.82
C MET A 317 -7.79 -32.52 9.99
N GLY A 318 -8.51 -33.12 10.94
CA GLY A 318 -8.30 -34.55 11.17
C GLY A 318 -8.87 -35.41 10.05
N ALA A 319 -9.83 -34.88 9.32
CA ALA A 319 -10.47 -35.61 8.24
C ALA A 319 -9.79 -35.40 6.90
N MET A 320 -9.04 -34.31 6.77
CA MET A 320 -8.46 -33.97 5.46
C MET A 320 -7.38 -34.93 5.01
N LYS A 321 -7.50 -35.38 3.76
CA LYS A 321 -6.53 -36.27 3.16
C LYS A 321 -6.92 -36.37 1.70
N PRO A 322 -6.04 -36.95 0.85
CA PRO A 322 -6.36 -37.05 -0.56
C PRO A 322 -7.70 -37.76 -0.81
N GLY A 323 -8.47 -37.19 -1.74
CA GLY A 323 -9.77 -37.74 -2.15
C GLY A 323 -10.96 -37.13 -1.43
N VAL A 324 -10.71 -36.43 -0.33
CA VAL A 324 -11.76 -35.77 0.39
C VAL A 324 -12.30 -34.61 -0.42
N TRP A 325 -13.63 -34.49 -0.48
CA TRP A 325 -14.29 -33.43 -1.21
C TRP A 325 -14.43 -32.20 -0.32
N TRP A 326 -13.89 -31.06 -0.77
CA TRP A 326 -13.83 -29.90 0.13
C TRP A 326 -15.23 -29.44 0.58
N PRO A 327 -16.23 -29.49 -0.30
CA PRO A 327 -17.58 -29.17 0.22
C PRO A 327 -18.05 -30.09 1.35
N ASP A 328 -17.61 -31.34 1.39
CA ASP A 328 -17.98 -32.21 2.53
C ASP A 328 -17.35 -31.71 3.82
N MET A 329 -16.17 -31.12 3.72
CA MET A 329 -15.54 -30.55 4.90
C MET A 329 -16.30 -29.33 5.36
N HIS A 330 -16.74 -28.49 4.42
CA HIS A 330 -17.56 -27.35 4.77
C HIS A 330 -18.82 -27.80 5.49
N ARG A 331 -19.50 -28.83 4.99
CA ARG A 331 -20.70 -29.33 5.63
CA ARG A 331 -20.70 -29.34 5.65
C ARG A 331 -20.40 -29.94 7.02
N LEU A 332 -19.23 -30.56 7.16
CA LEU A 332 -18.82 -31.11 8.47
C LEU A 332 -18.74 -29.99 9.49
N ALA A 333 -18.10 -28.91 9.12
CA ALA A 333 -17.97 -27.77 10.03
C ALA A 333 -19.35 -27.19 10.40
N ASP A 334 -20.23 -27.06 9.42
CA ASP A 334 -21.58 -26.58 9.68
C ASP A 334 -22.27 -27.46 10.74
N ARG A 335 -22.18 -28.77 10.55
CA ARG A 335 -22.89 -29.69 11.45
C ARG A 335 -22.35 -29.56 12.86
N ILE A 336 -21.04 -29.42 13.00
CA ILE A 336 -20.44 -29.31 14.32
C ILE A 336 -20.85 -28.02 14.97
N HIS A 337 -20.84 -26.93 14.20
CA HIS A 337 -21.27 -25.67 14.76
C HIS A 337 -22.69 -25.77 15.28
N LEU A 338 -23.58 -26.35 14.48
CA LEU A 338 -24.97 -26.50 14.92
C LEU A 338 -25.10 -27.32 16.19
N GLU A 339 -24.35 -28.41 16.28
CA GLU A 339 -24.37 -29.27 17.46
C GLU A 339 -23.95 -28.50 18.69
N GLU A 340 -22.86 -27.73 18.57
CA GLU A 340 -22.36 -27.00 19.70
C GLU A 340 -23.26 -25.84 20.09
N LEU A 341 -23.82 -25.15 19.09
CA LEU A 341 -24.76 -24.07 19.36
C LEU A 341 -26.05 -24.63 20.05
N ALA A 342 -26.47 -25.85 19.70
CA ALA A 342 -27.58 -26.51 20.42
C ALA A 342 -27.18 -26.87 21.86
N HIS A 343 -25.96 -27.37 22.07
CA HIS A 343 -25.49 -27.70 23.42
CA HIS A 343 -25.54 -27.71 23.44
C HIS A 343 -25.52 -26.46 24.32
N MET A 344 -25.17 -25.31 23.73
CA MET A 344 -25.18 -24.02 24.41
CA MET A 344 -25.17 -24.00 24.39
C MET A 344 -26.55 -23.44 24.68
N GLY A 345 -27.58 -24.02 24.06
CA GLY A 345 -28.95 -23.55 24.25
C GLY A 345 -29.38 -22.49 23.27
N ILE A 346 -28.52 -22.11 22.32
CA ILE A 346 -28.93 -21.14 21.30
C ILE A 346 -29.90 -21.79 20.33
N LEU A 347 -29.71 -23.10 20.09
CA LEU A 347 -30.56 -23.87 19.22
C LEU A 347 -31.21 -25.02 19.96
N SER A 348 -32.34 -25.48 19.44
CA SER A 348 -33.00 -26.69 19.86
C SER A 348 -33.56 -27.48 18.70
N GLY A 349 -33.65 -28.79 18.86
CA GLY A 349 -34.26 -29.63 17.85
C GLY A 349 -33.31 -30.56 17.14
N SER A 350 -33.78 -31.09 16.03
CA SER A 350 -33.00 -32.04 15.25
C SER A 350 -31.92 -31.37 14.43
N VAL A 351 -30.66 -31.73 14.67
CA VAL A 351 -29.55 -31.16 13.92
C VAL A 351 -29.67 -31.58 12.46
N ASP A 352 -30.10 -32.82 12.22
CA ASP A 352 -30.33 -33.23 10.84
C ASP A 352 -31.27 -32.22 10.10
N ALA A 353 -32.34 -31.81 10.79
CA ALA A 353 -33.29 -30.91 10.18
C ALA A 353 -32.70 -29.52 10.05
N MET A 354 -31.87 -29.13 11.00
CA MET A 354 -31.18 -27.82 10.92
C MET A 354 -30.31 -27.80 9.68
N VAL A 355 -29.57 -28.89 9.44
CA VAL A 355 -28.74 -28.98 8.26
C VAL A 355 -29.58 -28.91 6.98
N GLN A 356 -30.73 -29.58 6.98
CA GLN A 356 -31.58 -29.56 5.79
C GLN A 356 -32.10 -28.15 5.51
N ALA A 357 -32.23 -27.35 6.56
CA ALA A 357 -32.71 -25.99 6.41
C ALA A 357 -31.54 -24.97 6.20
N HIS A 358 -30.32 -25.46 6.04
CA HIS A 358 -29.13 -24.62 5.80
C HIS A 358 -28.90 -23.64 6.93
N LEU A 359 -29.20 -24.07 8.16
CA LEU A 359 -29.07 -23.20 9.30
C LEU A 359 -27.59 -22.91 9.59
N GLY A 360 -26.68 -23.81 9.22
CA GLY A 360 -25.26 -23.56 9.45
C GLY A 360 -24.76 -22.28 8.81
N ALA A 361 -25.27 -21.94 7.62
CA ALA A 361 -24.86 -20.75 6.91
C ALA A 361 -25.29 -19.44 7.60
N VAL A 362 -26.28 -19.47 8.49
CA VAL A 362 -26.62 -18.28 9.26
C VAL A 362 -25.45 -17.84 10.14
N PHE A 363 -24.70 -18.83 10.66
CA PHE A 363 -23.61 -18.62 11.60
C PHE A 363 -22.22 -18.59 10.94
N MET A 364 -22.10 -19.23 9.75
CA MET A 364 -20.86 -19.19 8.95
C MET A 364 -21.21 -18.97 7.48
N PRO A 365 -21.33 -17.70 7.09
CA PRO A 365 -21.79 -17.44 5.71
C PRO A 365 -20.71 -17.55 4.63
N HIS A 366 -19.46 -17.67 5.04
CA HIS A 366 -18.37 -17.73 4.12
C HIS A 366 -17.89 -19.18 3.95
N GLY A 367 -17.02 -19.38 2.97
CA GLY A 367 -16.48 -20.69 2.71
C GLY A 367 -15.52 -21.16 3.79
N LEU A 368 -15.44 -22.47 3.96
CA LEU A 368 -14.58 -23.04 4.99
C LEU A 368 -13.10 -22.69 4.80
N GLY A 369 -12.65 -22.56 3.56
CA GLY A 369 -11.27 -22.17 3.30
C GLY A 369 -10.94 -22.28 1.82
N HIS A 370 -9.75 -21.84 1.46
CA HIS A 370 -9.40 -21.59 0.07
C HIS A 370 -7.94 -21.95 -0.19
N PHE A 371 -7.61 -22.20 -1.47
CA PHE A 371 -6.22 -22.35 -1.88
C PHE A 371 -5.45 -21.07 -1.50
N LEU A 372 -4.17 -21.25 -1.15
CA LEU A 372 -3.27 -20.18 -0.77
C LEU A 372 -1.93 -20.41 -1.45
N GLY A 373 -1.26 -19.36 -1.91
CA GLY A 373 0.07 -19.51 -2.50
C GLY A 373 0.67 -18.15 -2.70
N ILE A 374 0.95 -17.77 -3.94
CA ILE A 374 1.46 -16.44 -4.25
C ILE A 374 0.39 -15.41 -3.96
N ASP A 375 -0.88 -15.77 -4.15
CA ASP A 375 -2.00 -14.90 -3.73
C ASP A 375 -2.69 -15.52 -2.52
N VAL A 376 -3.20 -14.70 -1.61
CA VAL A 376 -3.93 -15.23 -0.48
C VAL A 376 -5.16 -16.09 -0.90
N HIS A 377 -5.92 -15.60 -1.89
CA HIS A 377 -6.97 -16.39 -2.56
C HIS A 377 -6.37 -16.90 -3.88
N ASP A 378 -5.73 -18.07 -3.77
CA ASP A 378 -4.90 -18.52 -4.87
C ASP A 378 -5.76 -19.05 -6.02
N VAL A 379 -5.19 -19.05 -7.23
CA VAL A 379 -5.89 -19.49 -8.42
C VAL A 379 -6.18 -20.98 -8.42
N GLY A 380 -7.14 -21.38 -9.26
CA GLY A 380 -7.38 -22.80 -9.55
C GLY A 380 -8.48 -23.46 -8.76
N GLY A 381 -9.27 -22.70 -8.01
CA GLY A 381 -10.35 -23.31 -7.22
C GLY A 381 -11.49 -23.85 -8.05
N TYR A 382 -11.74 -23.25 -9.19
CA TYR A 382 -12.86 -23.63 -10.07
C TYR A 382 -12.43 -23.74 -11.51
N PRO A 383 -11.59 -24.75 -11.82
CA PRO A 383 -11.28 -25.01 -13.22
C PRO A 383 -12.50 -25.54 -13.94
N GLU A 384 -12.46 -25.52 -15.27
CA GLU A 384 -13.55 -26.02 -16.06
C GLU A 384 -13.92 -27.44 -15.61
N GLY A 385 -15.22 -27.65 -15.38
CA GLY A 385 -15.74 -28.95 -14.94
C GLY A 385 -16.03 -29.04 -13.44
N VAL A 386 -15.56 -28.06 -12.70
CA VAL A 386 -15.80 -27.99 -11.27
C VAL A 386 -16.80 -26.85 -11.01
N GLU A 387 -17.99 -27.19 -10.53
CA GLU A 387 -19.05 -26.21 -10.36
C GLU A 387 -19.22 -25.68 -8.93
N ARG A 388 -19.69 -24.44 -8.85
CA ARG A 388 -20.05 -23.80 -7.60
C ARG A 388 -21.38 -24.36 -7.13
N ILE A 389 -21.49 -24.62 -5.82
CA ILE A 389 -22.71 -25.21 -5.29
C ILE A 389 -23.65 -24.08 -4.88
N ASP A 390 -24.87 -24.04 -5.42
CA ASP A 390 -25.78 -22.91 -5.19
C ASP A 390 -26.62 -23.13 -3.93
N GLU A 391 -25.95 -23.09 -2.78
CA GLU A 391 -26.58 -23.16 -1.47
C GLU A 391 -25.92 -22.15 -0.57
N PRO A 392 -26.64 -21.66 0.45
CA PRO A 392 -26.02 -20.75 1.40
C PRO A 392 -24.74 -21.34 2.01
N GLY A 393 -23.71 -20.51 2.19
CA GLY A 393 -22.45 -20.96 2.75
C GLY A 393 -21.58 -21.58 1.68
N LEU A 394 -22.04 -22.70 1.14
CA LEU A 394 -21.29 -23.42 0.11
C LEU A 394 -21.03 -22.59 -1.15
N ARG A 395 -21.94 -21.67 -1.49
CA ARG A 395 -21.76 -20.90 -2.70
C ARG A 395 -20.60 -19.93 -2.55
N SER A 396 -20.18 -19.67 -1.31
CA SER A 396 -19.07 -18.77 -1.05
C SER A 396 -17.72 -19.51 -0.95
N LEU A 397 -17.76 -20.85 -1.06
CA LEU A 397 -16.52 -21.63 -1.13
C LEU A 397 -15.73 -21.19 -2.33
N ARG A 398 -14.41 -21.02 -2.13
CA ARG A 398 -13.56 -20.61 -3.23
C ARG A 398 -12.99 -21.81 -3.97
N THR A 399 -13.30 -23.04 -3.56
CA THR A 399 -13.07 -24.21 -4.40
C THR A 399 -14.06 -25.29 -4.03
N ALA A 400 -14.47 -26.08 -5.01
CA ALA A 400 -15.32 -27.27 -4.79
C ALA A 400 -14.56 -28.53 -5.24
N ARG A 401 -13.22 -28.44 -5.29
CA ARG A 401 -12.39 -29.54 -5.69
C ARG A 401 -12.25 -30.61 -4.59
N HIS A 402 -11.76 -31.77 -5.00
CA HIS A 402 -11.31 -32.82 -4.12
C HIS A 402 -9.84 -32.53 -3.78
N LEU A 403 -9.45 -32.89 -2.57
CA LEU A 403 -8.07 -32.65 -2.12
C LEU A 403 -7.05 -33.63 -2.74
N GLN A 404 -5.87 -33.09 -3.09
CA GLN A 404 -4.75 -33.88 -3.59
C GLN A 404 -3.45 -33.42 -2.97
N PRO A 405 -2.48 -34.34 -2.87
CA PRO A 405 -1.19 -33.90 -2.30
C PRO A 405 -0.56 -32.70 -3.02
N GLY A 406 -0.04 -31.78 -2.22
CA GLY A 406 0.63 -30.60 -2.74
C GLY A 406 -0.25 -29.35 -2.72
N MET A 407 -1.55 -29.52 -2.55
CA MET A 407 -2.47 -28.37 -2.40
C MET A 407 -2.23 -27.70 -1.07
N VAL A 408 -2.30 -26.37 -1.04
CA VAL A 408 -2.19 -25.63 0.19
C VAL A 408 -3.53 -24.92 0.43
N LEU A 409 -4.15 -25.13 1.59
CA LEU A 409 -5.47 -24.59 1.86
CA LEU A 409 -5.53 -24.70 1.91
C LEU A 409 -5.49 -23.92 3.20
N THR A 410 -6.36 -22.95 3.33
CA THR A 410 -6.71 -22.48 4.64
C THR A 410 -7.84 -23.34 5.18
N VAL A 411 -7.83 -23.51 6.49
CA VAL A 411 -8.91 -24.12 7.22
C VAL A 411 -9.40 -23.04 8.18
N GLU A 412 -10.55 -22.45 7.89
CA GLU A 412 -10.96 -21.25 8.65
C GLU A 412 -12.44 -21.22 8.98
N PRO A 413 -12.90 -22.22 9.74
CA PRO A 413 -14.28 -22.12 10.23
C PRO A 413 -14.45 -20.93 11.18
N GLY A 414 -15.68 -20.44 11.25
CA GLY A 414 -16.03 -19.44 12.22
C GLY A 414 -17.50 -19.49 12.56
N ILE A 415 -17.83 -18.85 13.67
CA ILE A 415 -19.21 -18.60 14.09
C ILE A 415 -19.33 -17.13 14.42
N TYR A 416 -20.36 -16.49 13.85
CA TYR A 416 -20.57 -15.05 13.98
C TYR A 416 -22.03 -14.81 14.27
N PHE A 417 -22.33 -13.70 14.93
CA PHE A 417 -23.68 -13.26 15.22
C PHE A 417 -23.95 -12.03 14.40
N ILE A 418 -24.50 -12.29 13.21
CA ILE A 418 -24.65 -11.24 12.18
C ILE A 418 -26.14 -10.89 12.05
N ASP A 419 -26.49 -9.66 12.39
CA ASP A 419 -27.89 -9.28 12.60
C ASP A 419 -28.73 -9.52 11.34
N HIS A 420 -28.16 -9.25 10.17
CA HIS A 420 -28.92 -9.36 8.91
C HIS A 420 -29.38 -10.84 8.73
N LEU A 421 -28.43 -11.76 8.99
CA LEU A 421 -28.67 -13.17 8.80
C LEU A 421 -29.55 -13.76 9.86
N LEU A 422 -29.33 -13.35 11.09
CA LEU A 422 -30.17 -13.81 12.19
C LEU A 422 -31.64 -13.36 12.05
N ASP A 423 -31.84 -12.11 11.63
CA ASP A 423 -33.19 -11.57 11.47
C ASP A 423 -33.89 -12.31 10.35
N GLU A 424 -33.16 -12.60 9.29
CA GLU A 424 -33.73 -13.38 8.19
C GLU A 424 -34.18 -14.76 8.59
N ALA A 425 -33.32 -15.40 9.36
CA ALA A 425 -33.59 -16.76 9.82
C ALA A 425 -34.80 -16.75 10.75
N LEU A 426 -34.90 -15.73 11.60
CA LEU A 426 -36.01 -15.65 12.55
C LEU A 426 -37.34 -15.38 11.86
N ALA A 427 -37.30 -14.80 10.66
CA ALA A 427 -38.51 -14.52 9.91
C ALA A 427 -39.00 -15.75 9.14
N ASP A 428 -38.11 -16.73 8.95
CA ASP A 428 -38.41 -17.92 8.17
C ASP A 428 -38.85 -19.06 9.10
N PRO A 429 -40.11 -19.48 9.05
CA PRO A 429 -40.55 -20.53 10.00
C PRO A 429 -39.73 -21.82 9.94
N ALA A 430 -39.18 -22.13 8.78
CA ALA A 430 -38.36 -23.33 8.66
C ALA A 430 -37.07 -23.22 9.42
N ARG A 431 -36.63 -22.02 9.81
CA ARG A 431 -35.39 -21.91 10.59
C ARG A 431 -35.66 -21.39 12.00
N ALA A 432 -36.70 -20.58 12.16
CA ALA A 432 -36.96 -19.94 13.43
C ALA A 432 -37.25 -20.94 14.53
N SER A 433 -37.88 -22.05 14.16
CA SER A 433 -38.24 -23.07 15.15
C SER A 433 -37.02 -23.61 15.88
N PHE A 434 -35.84 -23.51 15.27
CA PHE A 434 -34.62 -24.02 15.90
C PHE A 434 -33.95 -23.03 16.82
N LEU A 435 -34.22 -21.75 16.62
CA LEU A 435 -33.53 -20.65 17.29
C LEU A 435 -34.27 -20.25 18.57
N ASN A 436 -33.56 -20.25 19.70
CA ASN A 436 -34.18 -19.91 20.96
C ASN A 436 -33.95 -18.43 21.18
N ARG A 437 -34.98 -17.63 20.86
CA ARG A 437 -34.83 -16.19 20.77
C ARG A 437 -34.29 -15.61 22.07
N GLU A 438 -34.76 -16.13 23.20
CA GLU A 438 -34.38 -15.57 24.49
C GLU A 438 -32.89 -15.80 24.77
N VAL A 439 -32.31 -16.89 24.26
CA VAL A 439 -30.90 -17.16 24.46
C VAL A 439 -30.06 -16.41 23.44
N LEU A 440 -30.48 -16.44 22.17
CA LEU A 440 -29.79 -15.73 21.11
C LEU A 440 -29.64 -14.24 21.41
N GLN A 441 -30.64 -13.63 22.07
CA GLN A 441 -30.63 -12.20 22.36
C GLN A 441 -29.38 -11.79 23.11
N ARG A 442 -28.88 -12.67 23.98
CA ARG A 442 -27.67 -12.44 24.76
C ARG A 442 -26.40 -12.38 23.93
N PHE A 443 -26.44 -12.97 22.73
CA PHE A 443 -25.31 -13.06 21.84
C PHE A 443 -25.37 -11.98 20.72
N ARG A 444 -26.40 -11.15 20.72
CA ARG A 444 -26.47 -10.06 19.76
C ARG A 444 -25.29 -9.16 20.16
N GLY A 445 -24.50 -8.74 19.20
CA GLY A 445 -23.35 -7.89 19.50
C GLY A 445 -22.12 -8.62 20.05
N PHE A 446 -22.20 -9.93 20.16
CA PHE A 446 -21.03 -10.73 20.57
C PHE A 446 -19.84 -10.60 19.63
N GLY A 447 -20.11 -10.44 18.35
CA GLY A 447 -19.12 -10.48 17.31
C GLY A 447 -18.99 -11.88 16.73
N GLY A 448 -17.80 -12.43 16.74
CA GLY A 448 -17.61 -13.76 16.19
C GLY A 448 -16.23 -14.26 16.49
N VAL A 449 -16.05 -15.52 16.16
CA VAL A 449 -14.78 -16.22 16.32
C VAL A 449 -14.43 -16.89 15.00
N ARG A 450 -13.18 -16.75 14.55
CA ARG A 450 -12.65 -17.51 13.43
C ARG A 450 -11.26 -18.03 13.85
N ILE A 451 -11.01 -19.29 13.53
CA ILE A 451 -9.74 -19.94 13.80
C ILE A 451 -9.23 -20.41 12.44
N GLU A 452 -8.15 -19.77 11.97
CA GLU A 452 -7.68 -20.01 10.61
C GLU A 452 -6.21 -20.47 10.60
N GLU A 453 -6.05 -21.72 10.12
CA GLU A 453 -4.77 -22.40 9.95
C GLU A 453 -4.47 -22.50 8.46
N ASP A 454 -3.20 -22.57 8.10
CA ASP A 454 -2.75 -22.91 6.78
C ASP A 454 -2.16 -24.30 6.79
N VAL A 455 -2.57 -25.13 5.84
CA VAL A 455 -2.14 -26.53 5.84
C VAL A 455 -1.77 -26.97 4.41
N VAL A 456 -0.95 -28.01 4.31
CA VAL A 456 -0.58 -28.64 3.04
C VAL A 456 -1.16 -30.04 3.03
N VAL A 457 -1.83 -30.44 1.93
CA VAL A 457 -2.30 -31.82 1.78
C VAL A 457 -1.08 -32.72 1.49
N THR A 458 -0.96 -33.82 2.24
CA THR A 458 0.11 -34.79 2.06
C THR A 458 -0.50 -36.10 1.53
N ASP A 459 0.33 -37.10 1.30
CA ASP A 459 -0.16 -38.38 0.81
C ASP A 459 -1.15 -39.02 1.76
N SER A 460 -0.93 -38.80 3.07
CA SER A 460 -1.73 -39.49 4.10
C SER A 460 -2.71 -38.59 4.86
N GLY A 461 -2.60 -37.27 4.69
CA GLY A 461 -3.37 -36.38 5.50
C GLY A 461 -2.95 -34.95 5.24
N ILE A 462 -2.53 -34.21 6.28
CA ILE A 462 -2.07 -32.83 6.09
C ILE A 462 -0.82 -32.54 6.91
N GLU A 463 -0.14 -31.46 6.53
CA GLU A 463 0.91 -30.83 7.35
C GLU A 463 0.41 -29.45 7.75
N LEU A 464 0.40 -29.16 9.06
CA LEU A 464 -0.01 -27.86 9.58
C LEU A 464 1.16 -26.89 9.54
N LEU A 465 0.97 -25.72 8.88
CA LEU A 465 2.06 -24.72 8.80
C LEU A 465 2.04 -23.73 9.93
N THR A 466 0.84 -23.43 10.39
CA THR A 466 0.63 -22.39 11.38
C THR A 466 1.02 -22.89 12.78
N CYS A 467 1.51 -22.01 13.61
CA CYS A 467 1.88 -22.36 14.97
CA CYS A 467 1.86 -22.36 14.99
C CYS A 467 1.57 -21.23 15.96
N VAL A 468 0.31 -21.15 16.35
CA VAL A 468 -0.15 -20.20 17.33
C VAL A 468 -0.90 -20.90 18.45
N PRO A 469 -1.02 -20.24 19.63
CA PRO A 469 -1.80 -20.86 20.71
C PRO A 469 -3.25 -21.03 20.30
N ARG A 470 -3.86 -22.17 20.64
CA ARG A 470 -5.21 -22.44 20.20
C ARG A 470 -6.19 -22.85 21.27
N THR A 471 -5.76 -23.60 22.31
CA THR A 471 -6.75 -23.93 23.32
C THR A 471 -7.01 -22.70 24.18
N VAL A 472 -8.13 -22.69 24.88
CA VAL A 472 -8.40 -21.59 25.79
C VAL A 472 -7.22 -21.40 26.77
N GLU A 473 -6.69 -22.49 27.34
CA GLU A 473 -5.62 -22.43 28.31
C GLU A 473 -4.34 -21.88 27.68
N GLU A 474 -4.04 -22.32 26.47
CA GLU A 474 -2.85 -21.80 25.79
C GLU A 474 -2.98 -20.28 25.51
N ILE A 475 -4.17 -19.86 25.10
CA ILE A 475 -4.35 -18.46 24.72
C ILE A 475 -4.26 -17.61 25.96
N GLU A 476 -4.90 -18.03 27.04
CA GLU A 476 -4.82 -17.23 28.26
C GLU A 476 -3.39 -17.18 28.77
N ALA A 477 -2.64 -18.28 28.66
CA ALA A 477 -1.23 -18.30 29.09
C ALA A 477 -0.39 -17.36 28.24
N CYS A 478 -0.62 -17.37 26.92
CA CYS A 478 0.14 -16.51 26.04
C CYS A 478 -0.08 -15.04 26.37
N MET A 479 -1.34 -14.68 26.59
CA MET A 479 -1.68 -13.29 26.82
C MET A 479 -1.17 -12.79 28.16
N ALA A 480 -1.03 -13.71 29.12
CA ALA A 480 -0.52 -13.35 30.45
C ALA A 480 1.01 -13.31 30.55
N GLY A 481 1.70 -13.74 29.50
CA GLY A 481 3.16 -13.74 29.46
C GLY A 481 3.78 -12.35 29.51
N CYS A 482 4.86 -12.22 30.26
CA CYS A 482 5.47 -10.93 30.59
C CYS A 482 6.40 -10.40 29.51
N GLY B 6 -18.74 21.46 14.99
CA GLY B 6 -19.11 20.39 14.05
C GLY B 6 -18.26 19.13 14.24
N PRO B 7 -18.46 18.14 13.35
CA PRO B 7 -17.77 16.86 13.39
C PRO B 7 -16.31 16.95 13.00
N SER B 8 -15.53 15.99 13.48
CA SER B 8 -14.09 15.91 13.19
CA SER B 8 -14.11 15.92 13.13
C SER B 8 -13.69 14.50 12.81
N PHE B 9 -12.69 14.38 11.96
CA PHE B 9 -11.97 13.17 11.76
C PHE B 9 -11.01 12.96 12.94
N TRP B 10 -10.92 11.74 13.48
CA TRP B 10 -10.05 11.49 14.62
C TRP B 10 -9.72 10.01 14.66
N LEU B 11 -8.49 9.64 14.97
CA LEU B 11 -8.17 8.20 15.15
C LEU B 11 -7.84 7.87 16.62
N GLY B 12 -8.39 8.67 17.53
CA GLY B 12 -8.32 8.45 18.95
C GLY B 12 -6.97 8.76 19.57
N ASN B 13 -6.79 8.30 20.81
CA ASN B 13 -5.55 8.43 21.52
C ASN B 13 -5.06 9.89 21.44
N GLU B 14 -3.84 10.13 20.95
CA GLU B 14 -3.29 11.49 20.90
C GLU B 14 -3.30 12.03 19.49
N THR B 15 -4.09 11.42 18.61
CA THR B 15 -4.10 11.84 17.21
C THR B 15 -4.90 13.13 17.07
N LEU B 16 -4.68 13.83 15.97
CA LEU B 16 -5.30 15.12 15.71
C LEU B 16 -6.77 15.01 15.30
N LYS B 17 -7.61 15.84 15.91
CA LYS B 17 -9.00 16.01 15.47
C LYS B 17 -8.99 17.03 14.37
N VAL B 18 -9.41 16.62 13.18
CA VAL B 18 -9.48 17.51 12.00
C VAL B 18 -10.92 17.85 11.71
N PRO B 19 -11.31 19.12 11.91
CA PRO B 19 -12.72 19.47 11.69
C PRO B 19 -13.11 19.31 10.21
N LEU B 20 -14.30 18.77 9.97
CA LEU B 20 -14.76 18.65 8.60
C LEU B 20 -15.03 20.04 8.03
N ALA B 21 -15.11 21.05 8.90
CA ALA B 21 -15.14 22.44 8.47
C ALA B 21 -13.97 22.81 7.58
N LEU B 22 -12.85 22.08 7.69
CA LEU B 22 -11.68 22.33 6.83
C LEU B 22 -12.13 22.21 5.36
N PHE B 23 -12.87 21.15 5.07
CA PHE B 23 -13.24 20.87 3.68
C PHE B 23 -14.34 21.81 3.20
N ALA B 24 -15.23 22.16 4.12
CA ALA B 24 -16.24 23.19 3.79
C ALA B 24 -15.60 24.50 3.42
N LEU B 25 -14.53 24.86 4.10
CA LEU B 25 -13.87 26.11 3.80
C LEU B 25 -13.21 26.04 2.42
N ASN B 26 -12.63 24.89 2.08
CA ASN B 26 -12.07 24.73 0.75
C ASN B 26 -13.14 24.87 -0.32
N ARG B 27 -14.33 24.27 -0.14
CA ARG B 27 -15.40 24.42 -1.12
C ARG B 27 -15.79 25.89 -1.26
N GLN B 28 -15.88 26.59 -0.13
CA GLN B 28 -16.28 27.99 -0.16
C GLN B 28 -15.23 28.79 -0.92
N ARG B 29 -13.95 28.52 -0.64
CA ARG B 29 -12.89 29.28 -1.30
C ARG B 29 -12.89 29.07 -2.80
N LEU B 30 -13.14 27.80 -3.20
CA LEU B 30 -13.21 27.46 -4.62
C LEU B 30 -14.37 28.20 -5.28
N CYS B 31 -15.53 28.18 -4.63
CA CYS B 31 -16.64 28.91 -5.21
C CYS B 31 -16.36 30.44 -5.33
N GLU B 32 -15.75 31.01 -4.31
CA GLU B 32 -15.45 32.44 -4.30
C GLU B 32 -14.50 32.77 -5.45
N ARG B 33 -13.55 31.89 -5.73
CA ARG B 33 -12.63 32.13 -6.85
C ARG B 33 -13.38 32.01 -8.16
N LEU B 34 -14.20 30.96 -8.30
CA LEU B 34 -14.93 30.77 -9.54
C LEU B 34 -15.88 31.91 -9.82
N ARG B 35 -16.56 32.42 -8.78
CA ARG B 35 -17.50 33.53 -9.01
C ARG B 35 -16.84 34.77 -9.62
N LYS B 36 -15.54 34.93 -9.41
CA LYS B 36 -14.81 36.10 -9.92
C LYS B 36 -14.22 35.87 -11.31
N ASN B 37 -14.29 34.63 -11.76
CA ASN B 37 -13.68 34.20 -13.01
C ASN B 37 -14.61 34.57 -14.18
N PRO B 38 -14.15 35.37 -15.14
CA PRO B 38 -15.07 35.80 -16.21
C PRO B 38 -15.59 34.67 -17.11
N ALA B 39 -14.93 33.51 -17.07
CA ALA B 39 -15.32 32.38 -17.91
C ALA B 39 -16.47 31.61 -17.28
N VAL B 40 -16.78 31.94 -16.03
CA VAL B 40 -17.79 31.19 -15.25
C VAL B 40 -19.11 31.90 -15.31
N GLN B 41 -20.15 31.16 -15.65
CA GLN B 41 -21.48 31.69 -15.73
C GLN B 41 -22.31 31.24 -14.56
N ALA B 42 -23.43 31.94 -14.35
CA ALA B 42 -24.37 31.55 -13.30
C ALA B 42 -24.89 30.15 -13.56
N GLY B 43 -25.21 29.47 -12.47
CA GLY B 43 -25.85 28.18 -12.56
C GLY B 43 -24.91 27.04 -12.81
N SER B 44 -23.60 27.29 -12.64
CA SER B 44 -22.63 26.22 -12.87
C SER B 44 -22.52 25.28 -11.68
N ILE B 45 -22.19 24.02 -11.92
CA ILE B 45 -21.99 23.03 -10.84
CA ILE B 45 -21.93 23.13 -10.81
C ILE B 45 -20.65 22.36 -11.06
N VAL B 46 -19.81 22.40 -10.03
CA VAL B 46 -18.57 21.65 -10.03
C VAL B 46 -18.91 20.18 -9.82
N VAL B 47 -18.35 19.29 -10.66
CA VAL B 47 -18.59 17.86 -10.55
C VAL B 47 -17.26 17.14 -10.44
N LEU B 48 -17.07 16.49 -9.30
CA LEU B 48 -15.87 15.70 -9.02
C LEU B 48 -16.23 14.24 -8.78
N GLN B 49 -15.31 13.38 -9.22
CA GLN B 49 -15.45 11.94 -9.01
C GLN B 49 -14.36 11.43 -8.11
N GLY B 50 -14.75 10.73 -7.08
CA GLY B 50 -13.81 10.19 -6.14
C GLY B 50 -13.10 8.97 -6.68
N GLY B 51 -12.07 8.53 -5.98
CA GLY B 51 -11.41 7.30 -6.35
C GLY B 51 -12.29 6.09 -6.10
N GLU B 52 -11.95 5.02 -6.83
CA GLU B 52 -12.61 3.72 -6.69
C GLU B 52 -11.68 2.68 -6.09
N GLU B 53 -12.28 1.68 -5.48
CA GLU B 53 -11.55 0.51 -4.91
C GLU B 53 -10.85 -0.22 -6.03
N THR B 54 -9.62 -0.69 -5.74
CA THR B 54 -8.84 -1.48 -6.70
C THR B 54 -8.30 -2.76 -6.04
N GLN B 55 -7.91 -3.69 -6.91
CA GLN B 55 -7.25 -4.93 -6.50
CA GLN B 55 -7.26 -4.95 -6.51
C GLN B 55 -5.95 -5.07 -7.26
N ARG B 56 -5.03 -5.91 -6.75
CA ARG B 56 -3.81 -6.17 -7.47
C ARG B 56 -4.11 -6.91 -8.76
N TYR B 57 -3.74 -6.33 -9.87
CA TYR B 57 -3.80 -7.00 -11.16
C TYR B 57 -5.18 -7.68 -11.33
N CYS B 58 -5.24 -8.94 -11.70
CA CYS B 58 -6.55 -9.63 -11.87
C CYS B 58 -6.94 -10.44 -10.68
N THR B 59 -6.21 -10.26 -9.59
CA THR B 59 -6.44 -11.02 -8.35
C THR B 59 -7.63 -10.46 -7.59
N ASP B 60 -8.00 -11.17 -6.51
CA ASP B 60 -9.04 -10.60 -5.65
CA ASP B 60 -8.99 -10.72 -5.59
C ASP B 60 -8.40 -10.00 -4.37
N THR B 61 -7.10 -9.67 -4.44
CA THR B 61 -6.40 -9.03 -3.32
C THR B 61 -6.60 -7.52 -3.34
N GLY B 62 -7.40 -7.03 -2.38
CA GLY B 62 -7.74 -5.63 -2.32
C GLY B 62 -6.50 -4.81 -2.01
N VAL B 63 -6.43 -3.65 -2.63
CA VAL B 63 -5.45 -2.63 -2.33
C VAL B 63 -6.12 -1.63 -1.38
N LEU B 64 -5.39 -1.26 -0.32
CA LEU B 64 -5.95 -0.30 0.62
C LEU B 64 -6.22 1.03 -0.08
N PHE B 65 -7.46 1.46 0.05
CA PHE B 65 -7.94 2.64 -0.68
C PHE B 65 -7.45 3.92 -0.03
N ARG B 66 -6.91 4.83 -0.84
CA ARG B 66 -6.49 6.16 -0.43
C ARG B 66 -7.17 7.09 -1.44
N GLN B 67 -7.85 8.08 -0.93
CA GLN B 67 -8.71 8.97 -1.75
C GLN B 67 -7.87 9.78 -2.74
N GLU B 68 -8.45 10.06 -3.91
CA GLU B 68 -7.84 10.97 -4.89
C GLU B 68 -7.73 12.38 -4.29
N SER B 69 -6.62 13.07 -4.60
CA SER B 69 -6.26 14.24 -3.84
C SER B 69 -7.18 15.44 -4.05
N PHE B 70 -7.62 15.71 -5.27
CA PHE B 70 -8.54 16.84 -5.46
C PHE B 70 -9.88 16.58 -4.73
N PHE B 71 -10.37 15.34 -4.81
CA PHE B 71 -11.61 15.00 -4.15
C PHE B 71 -11.47 15.14 -2.64
N HIS B 72 -10.34 14.68 -2.12
CA HIS B 72 -10.07 14.80 -0.71
C HIS B 72 -10.05 16.28 -0.29
N TRP B 73 -9.36 17.11 -1.06
CA TRP B 73 -9.28 18.52 -0.72
C TRP B 73 -10.65 19.18 -0.56
N ALA B 74 -11.54 18.81 -1.47
CA ALA B 74 -12.90 19.35 -1.50
C ALA B 74 -13.85 18.75 -0.49
N PHE B 75 -13.71 17.43 -0.20
CA PHE B 75 -14.70 16.74 0.62
C PHE B 75 -14.20 15.93 1.80
N GLY B 76 -12.93 15.51 1.82
CA GLY B 76 -12.42 14.78 2.97
C GLY B 76 -12.98 13.39 3.15
N VAL B 77 -13.54 12.83 2.07
CA VAL B 77 -14.25 11.56 2.12
C VAL B 77 -13.29 10.39 1.98
N THR B 78 -13.39 9.43 2.91
CA THR B 78 -12.49 8.28 2.92
C THR B 78 -13.02 7.03 2.16
N GLU B 79 -14.31 7.01 1.87
CA GLU B 79 -14.91 5.85 1.22
C GLU B 79 -14.71 5.84 -0.29
N PRO B 80 -14.47 4.69 -0.88
CA PRO B 80 -14.36 4.58 -2.33
C PRO B 80 -15.72 4.69 -3.03
N GLY B 81 -15.70 5.07 -4.30
CA GLY B 81 -16.86 5.04 -5.17
C GLY B 81 -17.81 6.20 -5.09
N CYS B 82 -17.37 7.32 -4.50
CA CYS B 82 -18.21 8.49 -4.37
C CYS B 82 -18.05 9.49 -5.50
N TYR B 83 -19.03 10.39 -5.59
CA TYR B 83 -18.91 11.62 -6.38
C TYR B 83 -19.28 12.77 -5.48
N GLY B 84 -18.95 13.99 -5.91
CA GLY B 84 -19.30 15.16 -5.13
C GLY B 84 -19.55 16.35 -6.05
N VAL B 85 -20.60 17.11 -5.77
CA VAL B 85 -20.84 18.28 -6.58
C VAL B 85 -21.01 19.51 -5.69
N ILE B 86 -20.71 20.66 -6.29
CA ILE B 86 -20.84 21.94 -5.60
C ILE B 86 -21.50 22.93 -6.51
N ASP B 87 -22.59 23.51 -6.02
CA ASP B 87 -23.24 24.59 -6.74
C ASP B 87 -22.43 25.84 -6.53
N VAL B 88 -21.94 26.41 -7.62
CA VAL B 88 -21.02 27.51 -7.53
C VAL B 88 -21.69 28.76 -6.94
N ASP B 89 -22.92 29.03 -7.36
CA ASP B 89 -23.57 30.26 -6.91
C ASP B 89 -23.93 30.28 -5.43
N THR B 90 -24.37 29.14 -4.91
CA THR B 90 -24.80 29.04 -3.51
C THR B 90 -23.78 28.39 -2.60
N GLY B 91 -22.80 27.69 -3.15
CA GLY B 91 -21.89 26.89 -2.36
C GLY B 91 -22.42 25.55 -1.86
N LYS B 92 -23.68 25.24 -2.20
CA LYS B 92 -24.33 24.01 -1.70
C LYS B 92 -23.58 22.77 -2.18
N SER B 93 -23.30 21.83 -1.25
CA SER B 93 -22.52 20.65 -1.55
C SER B 93 -23.38 19.41 -1.48
N THR B 94 -23.21 18.49 -2.43
CA THR B 94 -23.95 17.21 -2.40
C THR B 94 -22.95 16.11 -2.59
N LEU B 95 -22.94 15.16 -1.66
CA LEU B 95 -22.08 14.00 -1.73
C LEU B 95 -22.93 12.83 -2.24
N PHE B 96 -22.38 12.11 -3.20
CA PHE B 96 -22.99 10.90 -3.73
C PHE B 96 -22.21 9.68 -3.28
N VAL B 97 -22.92 8.74 -2.64
CA VAL B 97 -22.29 7.56 -2.06
C VAL B 97 -22.83 6.31 -2.74
N PRO B 98 -22.04 5.24 -2.78
CA PRO B 98 -22.52 4.03 -3.41
C PRO B 98 -23.73 3.42 -2.69
N ARG B 99 -24.67 2.92 -3.50
CA ARG B 99 -25.81 2.13 -3.03
C ARG B 99 -25.37 0.71 -2.88
N LEU B 100 -25.31 0.25 -1.63
N LEU B 100 -24.98 0.34 -1.66
CA LEU B 100 -25.01 -1.13 -1.34
CA LEU B 100 -24.19 -0.89 -1.46
C LEU B 100 -26.33 -1.86 -1.13
C LEU B 100 -25.12 -2.10 -1.34
N PRO B 101 -26.54 -3.01 -1.78
N PRO B 101 -24.66 -3.28 -1.80
CA PRO B 101 -27.76 -3.79 -1.46
CA PRO B 101 -25.50 -4.47 -1.72
C PRO B 101 -27.76 -4.23 0.00
C PRO B 101 -25.71 -4.91 -0.28
N ALA B 102 -28.94 -4.45 0.54
N ALA B 102 -26.79 -5.64 -0.03
CA ALA B 102 -29.05 -4.78 1.97
CA ALA B 102 -27.13 -6.10 1.31
C ALA B 102 -28.30 -6.06 2.35
C ALA B 102 -26.02 -6.94 1.93
N SER B 103 -28.23 -7.01 1.41
N SER B 103 -25.36 -7.75 1.11
CA SER B 103 -27.56 -8.29 1.60
CA SER B 103 -24.22 -8.55 1.55
C SER B 103 -26.09 -8.16 1.88
C SER B 103 -23.09 -7.72 2.17
N HIS B 104 -25.52 -7.01 1.53
N HIS B 104 -23.07 -6.42 1.89
CA HIS B 104 -24.12 -6.77 1.81
CA HIS B 104 -22.12 -5.55 2.56
C HIS B 104 -23.89 -6.69 3.31
C HIS B 104 -22.22 -5.72 4.06
N ALA B 105 -24.96 -6.53 4.08
N ALA B 105 -23.44 -5.96 4.53
CA ALA B 105 -24.86 -6.51 5.54
CA ALA B 105 -23.80 -6.15 5.94
C ALA B 105 -24.35 -7.84 6.01
C ALA B 105 -23.40 -7.54 6.44
N THR B 106 -24.47 -8.89 5.18
N THR B 106 -22.39 -8.13 5.82
CA THR B 106 -23.93 -10.20 5.51
CA THR B 106 -21.82 -9.39 6.25
C THR B 106 -22.43 -10.10 5.79
C THR B 106 -20.32 -9.22 6.11
N TRP B 107 -21.74 -9.30 4.98
N TRP B 107 -19.87 -8.77 4.94
CA TRP B 107 -20.28 -9.19 5.01
CA TRP B 107 -18.44 -8.76 4.62
C TRP B 107 -19.78 -7.90 5.65
C TRP B 107 -17.68 -7.47 4.95
N MET B 108 -20.56 -6.83 5.60
N MET B 108 -18.36 -6.33 4.79
CA MET B 108 -20.08 -5.49 5.93
CA MET B 108 -17.67 -5.06 4.75
C MET B 108 -20.62 -4.95 7.25
C MET B 108 -18.08 -4.15 5.94
N GLY B 109 -21.56 -5.63 7.88
N GLY B 109 -19.28 -4.35 6.46
CA GLY B 109 -22.17 -5.12 9.12
CA GLY B 109 -19.66 -3.61 7.65
C GLY B 109 -23.13 -4.06 8.61
C GLY B 109 -20.99 -2.92 7.57
N LYS B 110 -23.53 -3.15 9.50
N LYS B 110 -21.19 -2.04 8.54
CA LYS B 110 -24.54 -2.16 9.19
CA LYS B 110 -22.46 -1.35 8.67
C LYS B 110 -24.14 -1.33 7.98
C LYS B 110 -22.81 -0.67 7.36
N ILE B 111 -25.05 -1.18 7.04
N ILE B 111 -24.02 -0.97 6.92
CA ILE B 111 -24.83 -0.35 5.86
CA ILE B 111 -24.62 -0.27 5.80
C ILE B 111 -25.25 1.09 6.19
C ILE B 111 -25.12 1.03 6.37
N HIS B 112 -24.30 2.04 6.16
CA HIS B 112 -24.59 3.36 6.66
C HIS B 112 -25.66 4.08 5.81
N SER B 113 -26.53 4.81 6.48
CA SER B 113 -27.51 5.60 5.80
C SER B 113 -26.91 6.86 5.12
N LYS B 114 -27.69 7.43 4.21
CA LYS B 114 -27.33 8.72 3.62
C LYS B 114 -27.22 9.77 4.72
N GLU B 115 -28.11 9.73 5.70
CA GLU B 115 -28.10 10.69 6.80
C GLU B 115 -26.79 10.54 7.62
N HIS B 116 -26.32 9.31 7.79
CA HIS B 116 -25.03 9.09 8.49
C HIS B 116 -23.90 9.86 7.80
N PHE B 117 -23.85 9.75 6.48
CA PHE B 117 -22.80 10.42 5.73
C PHE B 117 -22.99 11.93 5.73
N LYS B 118 -24.22 12.43 5.73
CA LYS B 118 -24.43 13.86 5.77
C LYS B 118 -23.88 14.42 7.08
N GLU B 119 -24.16 13.73 8.18
CA GLU B 119 -23.69 14.17 9.51
C GLU B 119 -22.16 14.05 9.58
N LYS B 120 -21.63 12.96 9.03
CA LYS B 120 -20.20 12.67 9.11
C LYS B 120 -19.39 13.73 8.39
N TYR B 121 -19.87 14.13 7.20
CA TYR B 121 -19.05 15.02 6.33
C TYR B 121 -19.50 16.45 6.34
N ALA B 122 -20.63 16.72 6.99
CA ALA B 122 -21.19 18.07 7.09
C ALA B 122 -21.36 18.73 5.72
N VAL B 123 -21.97 17.96 4.81
CA VAL B 123 -22.38 18.45 3.51
C VAL B 123 -23.84 18.76 3.55
N ASP B 124 -24.32 19.46 2.55
CA ASP B 124 -25.71 19.90 2.56
C ASP B 124 -26.72 18.82 2.21
N ASP B 125 -26.29 17.84 1.43
CA ASP B 125 -27.17 16.76 0.97
C ASP B 125 -26.32 15.55 0.62
N VAL B 126 -26.95 14.39 0.74
CA VAL B 126 -26.34 13.12 0.34
C VAL B 126 -27.37 12.38 -0.50
N GLN B 127 -26.88 11.83 -1.62
CA GLN B 127 -27.66 11.01 -2.54
C GLN B 127 -26.87 9.77 -2.94
N TYR B 128 -27.53 8.77 -3.52
CA TYR B 128 -26.84 7.62 -4.07
C TYR B 128 -26.25 7.95 -5.47
N VAL B 129 -25.07 7.37 -5.75
CA VAL B 129 -24.39 7.63 -7.00
C VAL B 129 -25.22 7.38 -8.26
N ASP B 130 -26.05 6.36 -8.28
CA ASP B 130 -26.80 6.08 -9.49
C ASP B 130 -27.86 7.11 -9.75
N GLU B 131 -28.14 8.00 -8.78
CA GLU B 131 -29.11 9.05 -8.99
C GLU B 131 -28.51 10.37 -9.48
N ILE B 132 -27.20 10.39 -9.75
CA ILE B 132 -26.56 11.68 -10.05
C ILE B 132 -27.16 12.34 -11.30
N ALA B 133 -27.46 11.61 -12.37
CA ALA B 133 -28.04 12.32 -13.55
C ALA B 133 -29.39 12.98 -13.20
N SER B 134 -30.27 12.26 -12.50
CA SER B 134 -31.55 12.80 -12.10
C SER B 134 -31.42 14.03 -11.22
N VAL B 135 -30.54 13.91 -10.23
CA VAL B 135 -30.36 15.00 -9.29
C VAL B 135 -29.84 16.25 -9.98
N LEU B 136 -28.85 16.10 -10.84
CA LEU B 136 -28.32 17.25 -11.58
C LEU B 136 -29.32 17.79 -12.56
N THR B 137 -30.07 16.90 -13.22
CA THR B 137 -31.07 17.35 -14.16
C THR B 137 -32.08 18.28 -13.47
N SER B 138 -32.49 17.90 -12.25
CA SER B 138 -33.51 18.67 -11.54
CA SER B 138 -33.49 18.66 -11.51
C SER B 138 -33.00 20.06 -11.17
N GLN B 139 -31.68 20.23 -11.13
CA GLN B 139 -31.10 21.54 -10.85
C GLN B 139 -30.97 22.43 -12.09
N LYS B 140 -31.17 21.86 -13.27
CA LYS B 140 -31.14 22.64 -14.52
C LYS B 140 -29.87 23.52 -14.56
N PRO B 141 -28.70 22.90 -14.41
CA PRO B 141 -27.46 23.72 -14.44
C PRO B 141 -27.20 24.25 -15.80
N SER B 142 -26.49 25.36 -15.86
CA SER B 142 -26.05 25.89 -17.11
C SER B 142 -24.94 25.01 -17.67
N VAL B 143 -23.95 24.71 -16.82
CA VAL B 143 -22.77 23.96 -17.24
CA VAL B 143 -22.79 23.92 -17.24
C VAL B 143 -22.26 23.15 -16.06
N LEU B 144 -21.70 21.96 -16.36
CA LEU B 144 -20.96 21.17 -15.39
C LEU B 144 -19.50 21.48 -15.58
N LEU B 145 -18.83 21.82 -14.49
CA LEU B 145 -17.40 22.11 -14.50
C LEU B 145 -16.69 20.89 -13.99
N THR B 146 -15.99 20.19 -14.87
CA THR B 146 -15.20 19.03 -14.48
C THR B 146 -13.71 19.32 -14.53
N LEU B 147 -12.98 18.36 -13.95
CA LEU B 147 -11.57 18.49 -13.68
CA LEU B 147 -11.57 18.52 -13.67
C LEU B 147 -10.71 17.76 -14.67
N ARG B 148 -9.95 18.50 -15.47
CA ARG B 148 -8.98 17.95 -16.39
C ARG B 148 -7.80 18.88 -16.51
N GLY B 149 -6.60 18.34 -16.33
CA GLY B 149 -5.41 19.15 -16.46
C GLY B 149 -4.19 18.26 -16.35
N VAL B 150 -3.01 18.83 -16.51
CA VAL B 150 -1.74 18.07 -16.51
C VAL B 150 -0.99 18.36 -15.22
N ASN B 151 -0.60 17.29 -14.53
CA ASN B 151 0.27 17.42 -13.38
C ASN B 151 1.69 17.66 -13.84
N THR B 152 2.32 18.72 -13.35
CA THR B 152 3.60 19.14 -13.91
C THR B 152 4.82 18.39 -13.35
N ASP B 153 4.58 17.50 -12.40
CA ASP B 153 5.63 16.61 -11.86
C ASP B 153 5.54 15.25 -12.55
N SER B 154 4.33 14.69 -12.69
CA SER B 154 4.18 13.37 -13.27
C SER B 154 4.01 13.41 -14.77
N GLY B 155 3.48 14.52 -15.29
CA GLY B 155 3.10 14.61 -16.69
C GLY B 155 1.76 13.95 -17.00
N SER B 156 1.12 13.40 -15.98
CA SER B 156 -0.15 12.70 -16.19
C SER B 156 -1.32 13.66 -16.37
N VAL B 157 -2.32 13.24 -17.18
CA VAL B 157 -3.56 13.98 -17.29
C VAL B 157 -4.56 13.49 -16.26
N CYS B 158 -5.03 14.42 -15.44
CA CYS B 158 -6.10 14.17 -14.47
C CYS B 158 -7.37 13.93 -15.27
N ARG B 159 -8.05 12.83 -14.98
CA ARG B 159 -9.21 12.41 -15.75
C ARG B 159 -10.48 12.99 -15.16
N GLU B 160 -11.33 13.55 -16.02
CA GLU B 160 -12.52 14.19 -15.51
C GLU B 160 -13.62 13.22 -15.13
N ALA B 161 -14.50 13.67 -14.25
CA ALA B 161 -15.68 12.88 -13.84
C ALA B 161 -16.49 12.50 -15.04
N SER B 162 -17.09 11.33 -14.95
CA SER B 162 -18.04 10.90 -15.95
C SER B 162 -19.11 10.06 -15.26
N PHE B 163 -20.35 10.10 -15.74
CA PHE B 163 -21.40 9.23 -15.25
C PHE B 163 -22.35 9.02 -16.39
N ASP B 164 -23.16 7.97 -16.24
CA ASP B 164 -24.13 7.64 -17.27
CA ASP B 164 -24.14 7.64 -17.27
C ASP B 164 -25.14 8.77 -17.39
N GLY B 165 -25.19 9.40 -18.55
CA GLY B 165 -26.08 10.52 -18.81
C GLY B 165 -25.39 11.88 -18.83
N ILE B 166 -24.08 11.91 -18.60
CA ILE B 166 -23.40 13.21 -18.54
C ILE B 166 -23.44 13.87 -19.94
N SER B 167 -23.56 13.06 -20.98
CA SER B 167 -23.63 13.59 -22.35
C SER B 167 -24.83 14.49 -22.59
N LYS B 168 -25.83 14.42 -21.72
CA LYS B 168 -27.00 15.25 -21.88
C LYS B 168 -26.80 16.67 -21.33
N PHE B 169 -25.65 16.90 -20.67
CA PHE B 169 -25.35 18.21 -20.08
C PHE B 169 -24.31 18.96 -20.90
N GLU B 170 -24.26 20.28 -20.72
CA GLU B 170 -23.12 21.07 -21.21
CA GLU B 170 -23.12 21.06 -21.22
C GLU B 170 -21.99 20.86 -20.22
N VAL B 171 -20.80 20.47 -20.68
CA VAL B 171 -19.67 20.20 -19.82
C VAL B 171 -18.48 21.01 -20.25
N ASN B 172 -17.82 21.63 -19.28
CA ASN B 172 -16.60 22.35 -19.50
C ASN B 172 -15.53 21.69 -18.70
N ASN B 173 -14.39 21.36 -19.35
CA ASN B 173 -13.32 20.71 -18.60
C ASN B 173 -12.02 21.49 -18.57
N THR B 174 -12.08 22.78 -18.87
CA THR B 174 -10.87 23.63 -18.87
C THR B 174 -10.81 24.61 -17.72
N ILE B 175 -11.94 25.10 -17.24
CA ILE B 175 -11.95 26.16 -16.23
C ILE B 175 -11.46 25.73 -14.87
N LEU B 176 -11.92 24.56 -14.44
CA LEU B 176 -11.76 24.18 -13.04
C LEU B 176 -10.32 23.89 -12.61
N HIS B 177 -9.58 23.10 -13.39
CA HIS B 177 -8.31 22.61 -12.89
C HIS B 177 -7.41 23.73 -12.41
N PRO B 178 -7.15 24.79 -13.22
CA PRO B 178 -6.20 25.79 -12.71
C PRO B 178 -6.69 26.51 -11.44
N GLU B 179 -8.01 26.62 -11.32
CA GLU B 179 -8.61 27.30 -10.21
C GLU B 179 -8.55 26.49 -8.92
N ILE B 180 -8.95 25.22 -8.95
CA ILE B 180 -8.81 24.40 -7.73
C ILE B 180 -7.32 24.23 -7.39
N VAL B 181 -6.43 24.08 -8.36
CA VAL B 181 -5.00 24.04 -8.06
C VAL B 181 -4.60 25.31 -7.33
N GLU B 182 -5.00 26.48 -7.83
CA GLU B 182 -4.54 27.70 -7.20
C GLU B 182 -5.05 27.82 -5.75
N CYS B 183 -6.26 27.33 -5.48
CA CYS B 183 -6.74 27.28 -4.09
C CYS B 183 -5.84 26.39 -3.22
N GLN B 184 -5.48 25.23 -3.77
CA GLN B 184 -4.70 24.25 -3.03
C GLN B 184 -3.30 24.76 -2.68
N VAL B 185 -2.74 25.62 -3.52
CA VAL B 185 -1.39 26.18 -3.29
C VAL B 185 -1.32 26.98 -2.00
N PHE B 186 -2.44 27.61 -1.61
CA PHE B 186 -2.50 28.46 -0.42
C PHE B 186 -3.24 27.76 0.68
N LYS B 187 -2.53 27.40 1.75
CA LYS B 187 -3.14 26.59 2.81
C LYS B 187 -3.86 27.44 3.83
N THR B 188 -5.03 26.96 4.24
CA THR B 188 -5.82 27.64 5.23
C THR B 188 -5.22 27.37 6.60
N ASP B 189 -5.64 28.11 7.62
CA ASP B 189 -5.13 27.81 8.94
CA ASP B 189 -5.12 27.81 8.95
C ASP B 189 -5.52 26.41 9.39
N MET B 190 -6.70 25.94 9.00
CA MET B 190 -7.10 24.56 9.34
C MET B 190 -6.14 23.56 8.67
N GLU B 191 -5.79 23.78 7.42
CA GLU B 191 -4.85 22.88 6.78
C GLU B 191 -3.48 22.94 7.45
N LEU B 192 -3.02 24.14 7.80
CA LEU B 192 -1.74 24.25 8.50
C LEU B 192 -1.73 23.49 9.83
N GLU B 193 -2.84 23.43 10.56
CA GLU B 193 -2.87 22.63 11.78
C GLU B 193 -2.56 21.19 11.46
N VAL B 194 -3.05 20.67 10.34
CA VAL B 194 -2.80 19.25 10.01
C VAL B 194 -1.31 19.05 9.63
N LEU B 195 -0.77 20.00 8.89
CA LEU B 195 0.64 19.89 8.47
C LEU B 195 1.63 20.09 9.62
N ARG B 196 1.24 20.89 10.61
CA ARG B 196 2.02 20.99 11.83
C ARG B 196 2.05 19.59 12.53
N TYR B 197 0.91 18.92 12.52
CA TYR B 197 0.76 17.61 13.16
C TYR B 197 1.55 16.56 12.41
N THR B 198 1.45 16.53 11.08
CA THR B 198 2.16 15.49 10.35
C THR B 198 3.67 15.68 10.55
N ASN B 199 4.11 16.94 10.61
CA ASN B 199 5.50 17.19 10.90
C ASN B 199 5.87 16.80 12.31
N LYS B 200 4.99 17.02 13.28
CA LYS B 200 5.29 16.64 14.67
C LYS B 200 5.54 15.12 14.77
N ILE B 201 4.61 14.33 14.25
CA ILE B 201 4.73 12.89 14.36
C ILE B 201 5.93 12.38 13.58
N SER B 202 6.06 12.82 12.33
CA SER B 202 7.18 12.34 11.53
C SER B 202 8.51 12.79 12.15
N SER B 203 8.57 13.98 12.74
CA SER B 203 9.79 14.37 13.44
C SER B 203 10.13 13.47 14.63
N GLU B 204 9.11 13.11 15.40
CA GLU B 204 9.30 12.20 16.50
C GLU B 204 9.80 10.86 16.00
N ALA B 205 9.22 10.37 14.90
CA ALA B 205 9.59 9.10 14.34
C ALA B 205 11.05 9.13 13.86
N HIS B 206 11.45 10.22 13.21
CA HIS B 206 12.85 10.37 12.80
C HIS B 206 13.79 10.32 14.02
N ARG B 207 13.42 10.97 15.12
CA ARG B 207 14.23 10.92 16.33
CA ARG B 207 14.21 10.90 16.35
C ARG B 207 14.29 9.50 16.92
N GLU B 208 13.16 8.77 16.91
CA GLU B 208 13.21 7.36 17.35
C GLU B 208 14.14 6.53 16.46
N VAL B 209 14.14 6.81 15.16
CA VAL B 209 15.01 6.08 14.25
C VAL B 209 16.48 6.42 14.54
N MET B 210 16.82 7.69 14.71
CA MET B 210 18.19 8.05 15.07
C MET B 210 18.64 7.40 16.37
N LYS B 211 17.73 7.25 17.32
CA LYS B 211 18.06 6.57 18.58
C LYS B 211 18.27 5.08 18.41
N ALA B 212 17.58 4.50 17.44
CA ALA B 212 17.56 3.06 17.29
C ALA B 212 18.61 2.51 16.34
N VAL B 213 19.08 3.31 15.41
CA VAL B 213 20.00 2.82 14.39
CA VAL B 213 19.98 2.80 14.40
C VAL B 213 21.25 2.23 15.02
N LYS B 214 21.61 1.05 14.56
CA LYS B 214 22.88 0.39 14.94
C LYS B 214 23.58 -0.11 13.69
N VAL B 215 24.91 0.01 13.70
CA VAL B 215 25.74 -0.67 12.71
C VAL B 215 25.33 -2.15 12.66
N GLY B 216 25.15 -2.66 11.45
CA GLY B 216 24.79 -4.05 11.25
C GLY B 216 23.31 -4.28 10.93
N MET B 217 22.46 -3.28 11.19
CA MET B 217 21.06 -3.38 10.83
C MET B 217 20.90 -3.24 9.33
N LYS B 218 19.84 -3.83 8.80
CA LYS B 218 19.38 -3.52 7.47
C LYS B 218 18.63 -2.18 7.43
N GLU B 219 18.81 -1.44 6.32
CA GLU B 219 18.13 -0.18 6.11
C GLU B 219 16.61 -0.37 6.38
N TYR B 220 16.02 -1.46 5.90
CA TYR B 220 14.55 -1.58 6.00
C TYR B 220 14.06 -1.73 7.44
N GLU B 221 14.94 -2.12 8.35
CA GLU B 221 14.53 -2.21 9.75
C GLU B 221 14.12 -0.83 10.26
N LEU B 222 14.80 0.21 9.76
CA LEU B 222 14.43 1.56 10.15
C LEU B 222 13.22 2.09 9.40
N GLU B 223 13.06 1.73 8.13
CA GLU B 223 11.79 1.99 7.43
C GLU B 223 10.61 1.45 8.24
N SER B 224 10.70 0.21 8.66
CA SER B 224 9.65 -0.42 9.43
C SER B 224 9.38 0.28 10.73
N LEU B 225 10.44 0.65 11.44
CA LEU B 225 10.29 1.30 12.72
C LEU B 225 9.60 2.69 12.54
N PHE B 226 10.07 3.46 11.55
CA PHE B 226 9.46 4.76 11.25
C PHE B 226 7.95 4.62 10.99
N GLU B 227 7.57 3.71 10.11
CA GLU B 227 6.18 3.58 9.75
C GLU B 227 5.39 3.09 10.95
N HIS B 228 5.97 2.24 11.79
CA HIS B 228 5.29 1.77 12.99
C HIS B 228 5.05 2.86 14.00
N TYR B 229 6.03 3.75 14.19
CA TYR B 229 5.80 4.90 15.05
C TYR B 229 4.64 5.75 14.46
N CYS B 230 4.74 6.03 13.17
CA CYS B 230 3.78 6.93 12.56
C CYS B 230 2.36 6.37 12.66
N TYR B 231 2.18 5.07 12.46
CA TYR B 231 0.83 4.52 12.49
C TYR B 231 0.37 4.34 13.94
N SER B 232 1.14 3.60 14.74
CA SER B 232 0.67 3.31 16.09
C SER B 232 0.53 4.56 16.97
N ARG B 233 1.41 5.55 16.81
CA ARG B 233 1.38 6.74 17.68
C ARG B 233 0.68 7.92 17.00
N GLY B 234 0.72 7.94 15.69
CA GLY B 234 0.21 9.07 14.92
C GLY B 234 -1.08 8.83 14.14
N GLY B 235 -1.52 7.57 14.04
CA GLY B 235 -2.68 7.23 13.22
C GLY B 235 -2.43 7.32 11.75
N MET B 236 -1.16 7.33 11.36
CA MET B 236 -0.79 7.44 9.93
C MET B 236 -0.66 6.07 9.30
N ARG B 237 -1.76 5.63 8.67
CA ARG B 237 -1.80 4.33 8.04
C ARG B 237 -0.92 4.25 6.80
N HIS B 238 -0.82 5.39 6.11
CA HIS B 238 0.07 5.55 4.94
C HIS B 238 1.26 6.40 5.22
N SER B 239 2.31 6.17 4.46
CA SER B 239 3.37 7.14 4.28
C SER B 239 3.03 8.06 3.09
N SER B 240 3.65 9.24 3.07
CA SER B 240 3.45 10.18 2.00
C SER B 240 4.14 9.78 0.69
N TYR B 241 5.15 8.92 0.80
CA TYR B 241 5.94 8.40 -0.31
C TYR B 241 6.73 7.22 0.26
N THR B 242 7.23 6.36 -0.61
CA THR B 242 8.03 5.21 -0.17
C THR B 242 9.29 5.72 0.56
N CYS B 243 9.56 5.17 1.75
CA CYS B 243 10.70 5.57 2.55
C CYS B 243 12.01 5.35 1.81
N ILE B 244 12.89 6.35 1.88
CA ILE B 244 14.20 6.34 1.26
C ILE B 244 15.17 6.15 2.44
N CYS B 245 15.73 4.95 2.63
CA CYS B 245 16.63 4.72 3.74
C CYS B 245 18.01 4.33 3.20
N GLY B 246 18.74 5.33 2.73
CA GLY B 246 19.99 5.10 2.04
C GLY B 246 21.19 5.18 2.98
N SER B 247 21.91 4.06 3.03
CA SER B 247 23.11 4.02 3.83
C SER B 247 24.34 3.86 2.93
N GLY B 248 25.46 4.43 3.37
CA GLY B 248 26.69 4.35 2.60
C GLY B 248 26.50 4.99 1.24
N GLU B 249 27.01 4.33 0.21
CA GLU B 249 26.92 4.91 -1.11
C GLU B 249 25.47 5.04 -1.57
N ASN B 250 24.53 4.34 -0.95
CA ASN B 250 23.11 4.49 -1.35
C ASN B 250 22.58 5.87 -0.99
N SER B 251 23.24 6.60 -0.09
CA SER B 251 22.78 7.94 0.23
C SER B 251 23.00 8.90 -0.92
N ALA B 252 23.74 8.50 -1.96
CA ALA B 252 23.84 9.32 -3.18
C ALA B 252 22.77 9.03 -4.23
N VAL B 253 21.91 8.03 -3.99
CA VAL B 253 20.87 7.64 -4.92
C VAL B 253 19.61 8.32 -4.46
N LEU B 254 19.11 9.29 -5.23
CA LEU B 254 18.11 10.17 -4.70
C LEU B 254 16.73 9.57 -4.29
N HIS B 255 16.22 8.67 -5.06
CA HIS B 255 14.94 8.00 -4.75
C HIS B 255 15.15 6.52 -4.44
N TYR B 256 16.28 6.22 -3.85
CA TYR B 256 16.56 4.90 -3.31
C TYR B 256 15.38 4.40 -2.51
N GLY B 257 15.24 3.07 -2.46
CA GLY B 257 14.23 2.43 -1.60
C GLY B 257 13.07 1.82 -2.35
N HIS B 258 12.98 2.09 -3.65
CA HIS B 258 11.90 1.59 -4.47
C HIS B 258 12.13 0.09 -4.69
N ALA B 259 11.20 -0.55 -5.38
CA ALA B 259 11.28 -2.01 -5.55
C ALA B 259 12.58 -2.54 -6.15
N GLY B 260 13.20 -1.75 -7.04
CA GLY B 260 14.47 -2.13 -7.64
C GLY B 260 15.68 -1.98 -6.77
N ALA B 261 15.54 -1.29 -5.62
CA ALA B 261 16.70 -1.01 -4.71
C ALA B 261 16.10 -0.87 -3.33
N PRO B 262 15.58 -1.99 -2.82
CA PRO B 262 14.56 -1.89 -1.76
C PRO B 262 15.09 -1.83 -0.30
N ASN B 263 15.94 -0.85 0.03
CA ASN B 263 16.36 -0.62 1.40
C ASN B 263 16.94 -1.90 2.04
N ASP B 264 17.73 -2.61 1.25
CA ASP B 264 18.19 -3.92 1.67
C ASP B 264 19.68 -4.03 1.90
N ARG B 265 20.36 -2.91 2.16
CA ARG B 265 21.78 -2.96 2.46
C ARG B 265 22.01 -2.98 3.94
N THR B 266 23.02 -3.76 4.35
CA THR B 266 23.49 -3.71 5.72
C THR B 266 24.29 -2.46 6.03
N ILE B 267 23.89 -1.75 7.09
CA ILE B 267 24.57 -0.52 7.48
C ILE B 267 25.94 -0.86 8.10
N GLN B 268 26.98 -0.17 7.62
CA GLN B 268 28.35 -0.46 8.05
CA GLN B 268 28.36 -0.46 8.03
C GLN B 268 28.95 0.67 8.87
N ASN B 269 29.87 0.33 9.75
CA ASN B 269 30.61 1.38 10.45
C ASN B 269 31.28 2.35 9.51
N GLY B 270 31.11 3.65 9.80
CA GLY B 270 31.68 4.69 9.00
C GLY B 270 30.73 5.22 7.92
N ASP B 271 29.62 4.53 7.65
CA ASP B 271 28.63 5.01 6.67
C ASP B 271 27.92 6.22 7.15
N MET B 272 27.53 7.06 6.18
CA MET B 272 26.45 8.04 6.36
C MET B 272 25.12 7.42 6.04
N CYS B 273 24.11 7.89 6.74
CA CYS B 273 22.72 7.54 6.47
C CYS B 273 22.01 8.78 6.01
N LEU B 274 21.16 8.59 5.01
CA LEU B 274 20.27 9.67 4.52
C LEU B 274 18.86 9.08 4.50
N PHE B 275 18.03 9.46 5.46
CA PHE B 275 16.69 8.88 5.66
C PHE B 275 15.65 9.92 5.37
N ASP B 276 14.93 9.75 4.25
CA ASP B 276 13.92 10.67 3.78
C ASP B 276 12.59 9.93 3.93
N MET B 277 11.82 10.32 4.95
CA MET B 277 10.60 9.60 5.35
C MET B 277 9.59 10.62 5.89
N GLY B 278 8.32 10.38 5.59
CA GLY B 278 7.27 11.26 6.06
C GLY B 278 5.92 10.56 6.08
N GLY B 279 5.35 10.48 7.26
CA GLY B 279 4.02 9.90 7.38
C GLY B 279 2.94 10.79 6.82
N GLU B 280 1.81 10.18 6.46
CA GLU B 280 0.63 10.90 5.91
C GLU B 280 -0.51 10.74 6.88
N TYR B 281 -1.19 11.84 7.23
CA TYR B 281 -2.36 11.75 8.13
C TYR B 281 -3.57 12.30 7.39
N TYR B 282 -4.63 11.47 7.27
CA TYR B 282 -5.87 11.92 6.63
C TYR B 282 -5.55 12.61 5.28
N CYS B 283 -4.69 11.96 4.49
CA CYS B 283 -4.21 12.42 3.16
C CYS B 283 -3.52 13.79 3.15
N PHE B 284 -2.93 14.17 4.27
CA PHE B 284 -2.02 15.29 4.30
C PHE B 284 -0.59 14.81 4.52
N ALA B 285 0.32 15.38 3.77
CA ALA B 285 1.72 14.92 3.75
C ALA B 285 2.60 15.44 4.84
N SER B 286 3.75 14.78 4.99
CA SER B 286 4.93 15.39 5.59
C SER B 286 6.10 14.84 4.76
N ASP B 287 7.26 15.54 4.83
CA ASP B 287 8.38 15.16 3.95
C ASP B 287 9.67 15.63 4.60
N ILE B 288 10.37 14.73 5.28
CA ILE B 288 11.52 15.10 6.13
C ILE B 288 12.70 14.25 5.82
N THR B 289 13.88 14.87 5.72
CA THR B 289 15.12 14.09 5.53
C THR B 289 16.05 14.46 6.65
N CYS B 290 16.57 13.40 7.31
CA CYS B 290 17.62 13.48 8.33
C CYS B 290 18.83 12.73 7.78
N SER B 291 20.00 13.33 7.94
CA SER B 291 21.28 12.72 7.56
C SER B 291 22.17 12.67 8.80
N PHE B 292 22.88 11.57 8.97
CA PHE B 292 23.62 11.35 10.20
C PHE B 292 24.57 10.18 10.00
N PRO B 293 25.68 10.11 10.77
CA PRO B 293 26.59 8.96 10.70
C PRO B 293 25.94 7.71 11.36
N ALA B 294 26.03 6.56 10.72
CA ALA B 294 25.48 5.30 11.22
C ALA B 294 25.96 5.00 12.63
N ASN B 295 27.23 5.29 12.91
CA ASN B 295 27.80 4.89 14.19
C ASN B 295 27.68 5.99 15.28
N GLY B 296 26.96 7.05 14.99
CA GLY B 296 26.74 8.12 15.94
C GLY B 296 27.82 9.17 16.11
N LYS B 297 28.91 9.05 15.36
CA LYS B 297 30.02 9.98 15.46
C LYS B 297 30.42 10.48 14.09
N PHE B 298 30.25 11.78 13.85
CA PHE B 298 30.69 12.36 12.59
C PHE B 298 32.22 12.31 12.50
N THR B 299 32.74 11.83 11.38
CA THR B 299 34.15 12.05 11.05
C THR B 299 34.36 13.48 10.61
N ALA B 300 35.61 13.87 10.42
CA ALA B 300 35.88 15.22 9.98
C ALA B 300 35.25 15.46 8.62
N ASP B 301 35.43 14.53 7.69
CA ASP B 301 34.89 14.68 6.35
C ASP B 301 33.35 14.71 6.38
N GLN B 302 32.75 13.86 7.24
CA GLN B 302 31.29 13.83 7.34
C GLN B 302 30.74 15.16 7.92
N LYS B 303 31.41 15.65 8.94
CA LYS B 303 31.05 16.93 9.54
C LYS B 303 31.13 18.08 8.53
N ALA B 304 32.17 18.10 7.72
CA ALA B 304 32.33 19.17 6.75
C ALA B 304 31.24 19.17 5.67
N VAL B 305 30.95 18.01 5.09
CA VAL B 305 29.87 17.93 4.09
C VAL B 305 28.55 18.28 4.73
N TYR B 306 28.27 17.66 5.88
CA TYR B 306 27.02 17.89 6.58
C TYR B 306 26.82 19.39 6.90
N GLU B 307 27.83 20.04 7.43
CA GLU B 307 27.71 21.43 7.85
C GLU B 307 27.59 22.35 6.65
N ALA B 308 28.09 21.91 5.48
CA ALA B 308 27.89 22.71 4.25
C ALA B 308 26.39 22.76 3.88
N VAL B 309 25.72 21.62 3.97
CA VAL B 309 24.30 21.56 3.69
C VAL B 309 23.53 22.25 4.80
N LEU B 310 23.98 22.16 6.05
CA LEU B 310 23.29 22.86 7.13
C LEU B 310 23.39 24.37 6.85
N ARG B 311 24.53 24.84 6.39
CA ARG B 311 24.68 26.27 6.10
C ARG B 311 23.70 26.70 5.01
N SER B 312 23.58 25.91 3.93
CA SER B 312 22.66 26.33 2.85
C SER B 312 21.22 26.24 3.30
N SER B 313 20.86 25.19 4.02
CA SER B 313 19.53 25.10 4.62
C SER B 313 19.15 26.34 5.43
N ARG B 314 20.04 26.74 6.33
CA ARG B 314 19.72 27.86 7.19
C ARG B 314 19.76 29.18 6.43
N ALA B 315 20.64 29.31 5.42
CA ALA B 315 20.68 30.53 4.66
C ALA B 315 19.39 30.69 3.89
N VAL B 316 18.93 29.60 3.28
CA VAL B 316 17.67 29.69 2.51
C VAL B 316 16.51 30.00 3.47
N MET B 317 16.42 29.28 4.58
CA MET B 317 15.31 29.53 5.50
C MET B 317 15.35 31.00 5.97
N GLY B 318 16.52 31.55 6.19
CA GLY B 318 16.64 32.92 6.66
C GLY B 318 16.34 33.98 5.60
N ALA B 319 16.43 33.61 4.32
CA ALA B 319 16.17 34.53 3.20
C ALA B 319 14.72 34.43 2.68
N MET B 320 14.03 33.33 2.94
CA MET B 320 12.68 33.13 2.41
C MET B 320 11.67 34.06 3.02
N LYS B 321 10.88 34.72 2.17
CA LYS B 321 9.83 35.63 2.61
C LYS B 321 8.97 35.96 1.40
N PRO B 322 7.80 36.59 1.60
CA PRO B 322 6.99 36.88 0.41
C PRO B 322 7.79 37.72 -0.62
N GLY B 323 7.59 37.37 -1.89
CA GLY B 323 8.19 38.09 -3.01
C GLY B 323 9.51 37.51 -3.53
N VAL B 324 10.11 36.62 -2.73
CA VAL B 324 11.34 35.99 -3.13
C VAL B 324 11.08 35.05 -4.29
N TRP B 325 11.92 35.07 -5.30
CA TRP B 325 11.79 34.17 -6.46
C TRP B 325 12.45 32.84 -6.14
N TRP B 326 11.70 31.72 -6.18
CA TRP B 326 12.26 30.48 -5.65
C TRP B 326 13.57 30.04 -6.35
N PRO B 327 13.70 30.21 -7.68
CA PRO B 327 14.99 29.91 -8.33
C PRO B 327 16.16 30.68 -7.75
N ASP B 328 15.92 31.86 -7.20
CA ASP B 328 17.04 32.59 -6.56
C ASP B 328 17.51 31.87 -5.29
N MET B 329 16.60 31.20 -4.58
CA MET B 329 16.96 30.42 -3.39
C MET B 329 17.77 29.19 -3.82
N HIS B 330 17.37 28.56 -4.92
CA HIS B 330 18.15 27.43 -5.45
C HIS B 330 19.57 27.88 -5.78
N ARG B 331 19.70 29.03 -6.46
CA ARG B 331 21.03 29.54 -6.77
C ARG B 331 21.83 29.90 -5.52
N LEU B 332 21.17 30.42 -4.49
CA LEU B 332 21.83 30.70 -3.21
C LEU B 332 22.42 29.41 -2.61
N ALA B 333 21.63 28.35 -2.59
CA ALA B 333 22.13 27.06 -2.05
C ALA B 333 23.32 26.56 -2.87
N ASP B 334 23.20 26.62 -4.20
CA ASP B 334 24.29 26.23 -5.07
C ASP B 334 25.59 26.99 -4.72
N ARG B 335 25.49 28.32 -4.57
CA ARG B 335 26.69 29.14 -4.27
C ARG B 335 27.28 28.75 -2.93
N ILE B 336 26.46 28.46 -1.93
CA ILE B 336 26.96 28.12 -0.62
C ILE B 336 27.62 26.78 -0.71
N HIS B 337 27.01 25.80 -1.39
CA HIS B 337 27.65 24.48 -1.51
C HIS B 337 29.03 24.56 -2.17
N LEU B 338 29.14 25.32 -3.26
CA LEU B 338 30.44 25.51 -3.92
C LEU B 338 31.43 26.20 -3.01
N GLU B 339 31.01 27.22 -2.27
CA GLU B 339 31.91 27.92 -1.37
C GLU B 339 32.45 26.94 -0.33
N GLU B 340 31.54 26.16 0.21
CA GLU B 340 31.94 25.23 1.27
C GLU B 340 32.74 24.04 0.76
N LEU B 341 32.42 23.52 -0.41
CA LEU B 341 33.25 22.51 -1.03
C LEU B 341 34.66 23.02 -1.34
N ALA B 342 34.79 24.29 -1.68
CA ALA B 342 36.11 24.89 -1.82
C ALA B 342 36.80 25.05 -0.46
N HIS B 343 36.04 25.41 0.58
CA HIS B 343 36.62 25.56 1.90
C HIS B 343 37.10 24.20 2.44
N MET B 344 36.57 23.09 1.92
CA MET B 344 37.04 21.74 2.27
CA MET B 344 37.04 21.75 2.29
C MET B 344 38.17 21.22 1.42
N GLY B 345 38.53 21.95 0.37
CA GLY B 345 39.64 21.56 -0.48
C GLY B 345 39.24 20.66 -1.64
N ILE B 346 37.94 20.37 -1.77
CA ILE B 346 37.46 19.53 -2.87
C ILE B 346 37.50 20.30 -4.18
N LEU B 347 37.20 21.60 -4.09
CA LEU B 347 37.19 22.51 -5.23
C LEU B 347 38.21 23.62 -4.98
N SER B 348 38.73 24.24 -6.04
CA SER B 348 39.53 25.46 -5.94
C SER B 348 39.25 26.39 -7.09
N GLY B 349 39.58 27.66 -6.91
CA GLY B 349 39.40 28.64 -7.96
C GLY B 349 38.28 29.60 -7.60
N SER B 350 37.82 30.31 -8.62
CA SER B 350 36.78 31.29 -8.43
C SER B 350 35.43 30.70 -8.38
N VAL B 351 34.73 30.91 -7.27
CA VAL B 351 33.37 30.47 -7.11
C VAL B 351 32.43 31.14 -8.11
N ASP B 352 32.63 32.42 -8.41
CA ASP B 352 31.83 33.04 -9.44
C ASP B 352 31.93 32.25 -10.72
N ALA B 353 33.14 31.75 -11.01
CA ALA B 353 33.38 31.00 -12.24
C ALA B 353 32.75 29.62 -12.18
N MET B 354 32.78 29.01 -11.01
CA MET B 354 32.14 27.70 -10.82
C MET B 354 30.67 27.81 -11.09
N VAL B 355 30.07 28.87 -10.58
CA VAL B 355 28.64 29.12 -10.81
C VAL B 355 28.35 29.32 -12.28
N GLN B 356 29.22 30.04 -12.97
CA GLN B 356 28.99 30.31 -14.39
C GLN B 356 29.02 28.99 -15.19
N ALA B 357 29.77 28.03 -14.66
CA ALA B 357 29.95 26.73 -15.27
C ALA B 357 28.92 25.69 -14.78
N HIS B 358 27.97 26.15 -13.97
CA HIS B 358 26.89 25.28 -13.44
C HIS B 358 27.44 24.12 -12.62
N LEU B 359 28.50 24.37 -11.90
CA LEU B 359 29.14 23.31 -11.17
C LEU B 359 28.27 22.83 -10.00
N GLY B 360 27.40 23.71 -9.49
CA GLY B 360 26.60 23.37 -8.34
C GLY B 360 25.74 22.14 -8.63
N ALA B 361 25.28 22.02 -9.86
CA ALA B 361 24.40 20.92 -10.23
C ALA B 361 25.09 19.57 -10.22
N VAL B 362 26.41 19.54 -10.29
CA VAL B 362 27.14 18.27 -10.16
C VAL B 362 26.91 17.67 -8.78
N PHE B 363 26.82 18.53 -7.76
CA PHE B 363 26.71 18.11 -6.40
C PHE B 363 25.28 18.08 -5.87
N MET B 364 24.41 18.92 -6.48
CA MET B 364 22.96 18.89 -6.18
C MET B 364 22.17 18.85 -7.47
N PRO B 365 21.93 17.65 -8.02
CA PRO B 365 21.28 17.54 -9.34
C PRO B 365 19.75 17.73 -9.32
N HIS B 366 19.20 17.97 -8.15
CA HIS B 366 17.75 18.10 -7.97
C HIS B 366 17.35 19.51 -7.55
N GLY B 367 16.06 19.78 -7.53
CA GLY B 367 15.58 21.09 -7.14
C GLY B 367 15.70 21.32 -5.65
N LEU B 368 15.83 22.59 -5.25
CA LEU B 368 15.96 22.93 -3.85
C LEU B 368 14.75 22.52 -2.97
N GLY B 369 13.55 22.56 -3.52
CA GLY B 369 12.36 22.13 -2.80
C GLY B 369 11.09 22.44 -3.59
N HIS B 370 9.98 21.96 -3.05
CA HIS B 370 8.74 21.87 -3.79
C HIS B 370 7.56 22.16 -2.89
N PHE B 371 6.47 22.56 -3.51
CA PHE B 371 5.21 22.65 -2.77
C PHE B 371 4.85 21.32 -2.10
N LEU B 372 4.21 21.39 -0.95
CA LEU B 372 3.79 20.21 -0.17
C LEU B 372 2.36 20.44 0.35
N GLY B 373 1.51 19.41 0.36
CA GLY B 373 0.19 19.58 0.90
C GLY B 373 -0.43 18.21 0.99
N ILE B 374 -1.56 18.02 0.29
CA ILE B 374 -2.19 16.70 0.24
C ILE B 374 -1.30 15.71 -0.50
N ASP B 375 -0.54 16.18 -1.49
CA ASP B 375 0.47 15.36 -2.12
C ASP B 375 1.85 15.82 -1.70
N VAL B 376 2.80 14.89 -1.61
CA VAL B 376 4.15 15.31 -1.24
C VAL B 376 4.74 16.30 -2.30
N HIS B 377 4.53 15.99 -3.57
CA HIS B 377 4.85 16.96 -4.64
C HIS B 377 3.53 17.64 -5.02
N ASP B 378 3.22 18.72 -4.30
CA ASP B 378 1.86 19.28 -4.42
C ASP B 378 1.71 20.05 -5.72
N VAL B 379 0.45 20.17 -6.12
CA VAL B 379 0.08 20.82 -7.37
C VAL B 379 0.41 22.31 -7.36
N GLY B 380 0.47 22.86 -8.56
CA GLY B 380 0.54 24.32 -8.71
C GLY B 380 1.90 24.97 -8.86
N GLY B 381 2.95 24.19 -9.03
CA GLY B 381 4.28 24.75 -9.14
C GLY B 381 4.53 25.52 -10.44
N TYR B 382 3.86 25.13 -11.53
CA TYR B 382 4.05 25.69 -12.87
C TYR B 382 2.71 25.97 -13.54
N PRO B 383 1.98 26.97 -13.03
CA PRO B 383 0.76 27.41 -13.68
C PRO B 383 1.12 28.04 -15.00
N GLU B 384 0.13 28.22 -15.88
CA GLU B 384 0.40 28.81 -17.20
C GLU B 384 1.21 30.10 -17.07
N GLY B 385 2.26 30.19 -17.87
CA GLY B 385 3.07 31.38 -17.86
C GLY B 385 4.31 31.28 -17.01
N VAL B 386 4.42 30.26 -16.16
CA VAL B 386 5.60 30.09 -15.33
C VAL B 386 6.44 29.03 -16.01
N GLU B 387 7.65 29.42 -16.41
CA GLU B 387 8.53 28.54 -17.20
C GLU B 387 9.61 27.88 -16.38
N ARG B 388 9.95 26.70 -16.87
CA ARG B 388 11.06 25.92 -16.31
C ARG B 388 12.36 26.54 -16.84
N ILE B 389 13.36 26.64 -15.97
CA ILE B 389 14.65 27.21 -16.30
C ILE B 389 15.53 26.10 -16.85
N ASP B 390 16.03 26.31 -18.07
CA ASP B 390 16.72 25.27 -18.79
C ASP B 390 18.19 25.24 -18.45
N GLU B 391 18.49 24.87 -17.20
CA GLU B 391 19.88 24.68 -16.75
C GLU B 391 19.91 23.44 -15.86
N PRO B 392 21.07 22.80 -15.74
CA PRO B 392 21.20 21.69 -14.80
C PRO B 392 20.79 22.10 -13.39
N GLY B 393 20.12 21.22 -12.67
CA GLY B 393 19.71 21.53 -11.31
C GLY B 393 18.41 22.33 -11.33
N LEU B 394 18.46 23.54 -11.86
CA LEU B 394 17.28 24.41 -11.87
C LEU B 394 16.14 23.80 -12.68
N ARG B 395 16.46 23.03 -13.73
CA ARG B 395 15.35 22.49 -14.53
C ARG B 395 14.57 21.44 -13.78
N SER B 396 15.13 20.94 -12.69
CA SER B 396 14.48 19.94 -11.84
C SER B 396 13.68 20.59 -10.73
N LEU B 397 13.73 21.91 -10.62
CA LEU B 397 12.87 22.59 -9.66
C LEU B 397 11.42 22.25 -9.98
N ARG B 398 10.64 21.96 -8.92
CA ARG B 398 9.22 21.65 -9.11
C ARG B 398 8.35 22.90 -9.04
N THR B 399 8.97 24.08 -8.82
CA THR B 399 8.29 25.36 -9.06
C THR B 399 9.30 26.46 -9.32
N ALA B 400 8.89 27.41 -10.17
CA ALA B 400 9.66 28.64 -10.43
C ALA B 400 8.83 29.84 -10.04
N ARG B 401 7.88 29.65 -9.12
CA ARG B 401 7.09 30.75 -8.64
C ARG B 401 7.82 31.67 -7.64
N HIS B 402 7.21 32.83 -7.44
CA HIS B 402 7.58 33.70 -6.31
C HIS B 402 6.78 33.27 -5.06
N LEU B 403 7.42 33.36 -3.90
CA LEU B 403 6.79 32.97 -2.64
C LEU B 403 5.73 33.98 -2.20
N GLN B 404 4.65 33.44 -1.66
CA GLN B 404 3.56 34.25 -1.10
C GLN B 404 3.09 33.57 0.19
N PRO B 405 2.53 34.37 1.11
CA PRO B 405 2.01 33.78 2.36
C PRO B 405 0.99 32.66 2.15
N GLY B 406 1.17 31.60 2.93
CA GLY B 406 0.29 30.48 2.83
C GLY B 406 0.79 29.28 2.02
N MET B 407 1.82 29.49 1.22
CA MET B 407 2.48 28.39 0.51
C MET B 407 3.25 27.53 1.48
N VAL B 408 3.27 26.23 1.23
CA VAL B 408 4.04 25.30 2.03
C VAL B 408 5.08 24.69 1.09
N LEU B 409 6.35 24.80 1.50
CA LEU B 409 7.47 24.33 0.71
C LEU B 409 8.39 23.41 1.52
N THR B 410 9.04 22.50 0.82
CA THR B 410 10.20 21.85 1.39
C THR B 410 11.43 22.71 1.09
N VAL B 411 12.40 22.63 2.00
CA VAL B 411 13.72 23.24 1.81
C VAL B 411 14.64 22.07 1.96
N GLU B 412 15.20 21.57 0.85
CA GLU B 412 15.92 20.30 0.91
C GLU B 412 17.23 20.33 0.11
N PRO B 413 18.12 21.27 0.46
CA PRO B 413 19.42 21.16 -0.20
C PRO B 413 20.13 19.86 0.14
N GLY B 414 21.03 19.45 -0.73
CA GLY B 414 21.91 18.34 -0.49
C GLY B 414 23.18 18.46 -1.29
N ILE B 415 24.15 17.69 -0.84
CA ILE B 415 25.40 17.46 -1.55
C ILE B 415 25.64 15.98 -1.65
N TYR B 416 25.89 15.51 -2.86
CA TYR B 416 26.11 14.09 -3.14
C TYR B 416 27.34 13.91 -3.99
N PHE B 417 27.96 12.72 -3.89
CA PHE B 417 29.14 12.37 -4.71
C PHE B 417 28.73 11.26 -5.68
N ILE B 418 28.28 11.68 -6.86
CA ILE B 418 27.64 10.81 -7.82
C ILE B 418 28.62 10.59 -8.93
N ASP B 419 29.08 9.35 -9.10
CA ASP B 419 30.24 9.13 -9.95
C ASP B 419 30.04 9.57 -11.41
N HIS B 420 28.89 9.28 -12.01
CA HIS B 420 28.79 9.62 -13.43
C HIS B 420 28.75 11.15 -13.62
N LEU B 421 28.21 11.89 -12.66
CA LEU B 421 28.22 13.35 -12.76
C LEU B 421 29.58 13.95 -12.52
N LEU B 422 30.30 13.43 -11.52
CA LEU B 422 31.68 13.84 -11.28
C LEU B 422 32.57 13.51 -12.46
N ASP B 423 32.40 12.32 -13.04
CA ASP B 423 33.23 11.94 -14.17
C ASP B 423 32.92 12.82 -15.39
N GLU B 424 31.64 13.21 -15.58
CA GLU B 424 31.28 14.12 -16.66
C GLU B 424 32.01 15.44 -16.46
N ALA B 425 32.02 15.96 -15.24
CA ALA B 425 32.70 17.23 -14.98
C ALA B 425 34.18 17.16 -15.23
N LEU B 426 34.80 16.05 -14.83
CA LEU B 426 36.24 15.89 -15.01
C LEU B 426 36.63 15.74 -16.47
N ALA B 427 35.66 15.32 -17.29
CA ALA B 427 35.83 15.19 -18.76
C ALA B 427 35.57 16.49 -19.51
N ASP B 428 35.04 17.48 -18.82
CA ASP B 428 34.62 18.75 -19.40
C ASP B 428 35.65 19.84 -19.05
N PRO B 429 36.40 20.34 -20.04
CA PRO B 429 37.39 21.37 -19.70
C PRO B 429 36.81 22.61 -19.01
N ALA B 430 35.56 22.92 -19.29
CA ALA B 430 34.93 24.09 -18.66
C ALA B 430 34.69 23.84 -17.17
N ARG B 431 34.75 22.58 -16.71
CA ARG B 431 34.52 22.26 -15.28
C ARG B 431 35.67 21.55 -14.59
N ALA B 432 36.45 20.78 -15.33
CA ALA B 432 37.41 19.87 -14.71
C ALA B 432 38.44 20.58 -13.83
N SER B 433 38.85 21.77 -14.22
CA SER B 433 39.90 22.47 -13.48
C SER B 433 39.55 22.87 -12.05
N PHE B 434 38.27 22.93 -11.73
CA PHE B 434 37.85 23.33 -10.40
C PHE B 434 37.99 22.20 -9.41
N LEU B 435 38.06 20.96 -9.93
CA LEU B 435 38.04 19.77 -9.07
CA LEU B 435 38.04 19.77 -9.07
C LEU B 435 39.46 19.36 -8.68
N ASN B 436 39.66 19.06 -7.39
CA ASN B 436 40.95 18.61 -6.91
C ASN B 436 40.92 17.12 -6.66
N ARG B 437 41.41 16.31 -7.60
CA ARG B 437 41.23 14.87 -7.52
C ARG B 437 41.82 14.26 -6.24
N GLU B 438 42.94 14.81 -5.79
CA GLU B 438 43.62 14.26 -4.62
C GLU B 438 42.73 14.30 -3.36
N VAL B 439 41.90 15.32 -3.21
CA VAL B 439 40.93 15.39 -2.11
C VAL B 439 39.60 14.71 -2.50
N LEU B 440 39.11 14.98 -3.71
CA LEU B 440 37.84 14.40 -4.17
C LEU B 440 37.86 12.86 -4.10
N GLN B 441 39.02 12.25 -4.38
CA GLN B 441 39.11 10.79 -4.37
C GLN B 441 38.65 10.23 -3.03
N ARG B 442 38.88 10.98 -1.97
CA ARG B 442 38.52 10.55 -0.63
C ARG B 442 37.00 10.51 -0.38
N PHE B 443 36.24 11.25 -1.21
CA PHE B 443 34.81 11.38 -1.09
C PHE B 443 34.09 10.52 -2.10
N ARG B 444 34.81 9.80 -2.94
CA ARG B 444 34.17 8.80 -3.81
C ARG B 444 33.56 7.73 -2.92
N GLY B 445 32.29 7.43 -3.16
CA GLY B 445 31.59 6.47 -2.34
C GLY B 445 31.06 6.96 -1.00
N PHE B 446 31.22 8.25 -0.74
CA PHE B 446 30.72 8.88 0.47
C PHE B 446 29.21 8.79 0.58
N GLY B 447 28.53 8.82 -0.56
CA GLY B 447 27.09 8.93 -0.60
C GLY B 447 26.71 10.38 -0.69
N GLY B 448 25.91 10.87 0.26
CA GLY B 448 25.53 12.25 0.26
C GLY B 448 24.81 12.64 1.53
N VAL B 449 24.51 13.95 1.63
CA VAL B 449 23.77 14.53 2.73
C VAL B 449 22.64 15.33 2.16
N ARG B 450 21.44 15.14 2.72
CA ARG B 450 20.29 16.04 2.41
C ARG B 450 19.69 16.38 3.77
N ILE B 451 19.37 17.65 3.94
CA ILE B 451 18.72 18.19 5.15
C ILE B 451 17.42 18.79 4.64
N GLU B 452 16.28 18.14 4.98
CA GLU B 452 15.00 18.58 4.43
C GLU B 452 14.01 18.95 5.55
N GLU B 453 13.63 20.24 5.52
CA GLU B 453 12.66 20.85 6.39
C GLU B 453 11.38 21.14 5.61
N ASP B 454 10.25 21.13 6.30
CA ASP B 454 8.98 21.64 5.74
C ASP B 454 8.68 23.00 6.40
N VAL B 455 8.32 24.00 5.58
CA VAL B 455 8.09 25.34 6.08
C VAL B 455 6.87 25.97 5.43
N VAL B 456 6.26 26.91 6.15
CA VAL B 456 5.16 27.71 5.65
C VAL B 456 5.68 29.10 5.41
N VAL B 457 5.37 29.66 4.25
CA VAL B 457 5.65 31.08 4.01
C VAL B 457 4.62 31.93 4.78
N THR B 458 5.12 32.89 5.53
CA THR B 458 4.30 33.80 6.31
C THR B 458 4.51 35.24 5.87
N ASP B 459 3.76 36.15 6.46
CA ASP B 459 3.93 37.56 6.12
C ASP B 459 5.34 38.01 6.38
N SER B 460 5.97 37.49 7.43
CA SER B 460 7.28 38.02 7.84
C SER B 460 8.48 37.18 7.41
N GLY B 461 8.24 35.97 6.92
CA GLY B 461 9.32 35.05 6.60
C GLY B 461 8.74 33.68 6.41
N ILE B 462 9.15 32.80 7.32
CA ILE B 462 8.61 31.46 7.37
C ILE B 462 8.24 30.98 8.77
N GLU B 463 7.44 29.93 8.78
CA GLU B 463 7.18 29.10 9.99
C GLU B 463 7.78 27.74 9.72
N LEU B 464 8.74 27.32 10.55
CA LEU B 464 9.34 26.00 10.39
C LEU B 464 8.44 24.95 11.05
N LEU B 465 8.02 23.95 10.27
CA LEU B 465 7.17 22.89 10.83
C LEU B 465 7.91 21.73 11.43
N THR B 466 9.06 21.42 10.86
CA THR B 466 9.83 20.22 11.23
C THR B 466 10.56 20.50 12.53
N CYS B 467 10.76 19.45 13.33
CA CYS B 467 11.41 19.60 14.62
CA CYS B 467 11.41 19.60 14.62
C CYS B 467 12.28 18.38 14.93
N VAL B 468 13.47 18.34 14.30
CA VAL B 468 14.46 17.28 14.48
C VAL B 468 15.81 17.91 14.82
N PRO B 469 16.70 17.12 15.47
CA PRO B 469 18.06 17.62 15.73
C PRO B 469 18.75 17.90 14.41
N ARG B 470 19.50 18.99 14.35
CA ARG B 470 20.11 19.42 13.10
C ARG B 470 21.63 19.69 13.20
N THR B 471 22.14 20.21 14.32
CA THR B 471 23.59 20.48 14.38
C THR B 471 24.27 19.14 14.63
N VAL B 472 25.56 19.09 14.34
CA VAL B 472 26.34 17.89 14.61
C VAL B 472 26.20 17.48 16.06
N GLU B 473 26.31 18.44 16.95
CA GLU B 473 26.22 18.17 18.37
C GLU B 473 24.82 17.64 18.77
N GLU B 474 23.76 18.25 18.25
CA GLU B 474 22.41 17.74 18.54
C GLU B 474 22.24 16.33 18.02
N ILE B 475 22.73 16.05 16.83
CA ILE B 475 22.51 14.73 16.23
C ILE B 475 23.28 13.66 16.99
N GLU B 476 24.53 13.95 17.33
CA GLU B 476 25.30 12.97 18.10
C GLU B 476 24.62 12.71 19.45
N ALA B 477 24.06 13.75 20.08
CA ALA B 477 23.35 13.56 21.35
C ALA B 477 22.11 12.69 21.19
N CYS B 478 21.32 12.96 20.14
CA CYS B 478 20.10 12.19 19.87
C CYS B 478 20.42 10.73 19.67
N MET B 479 21.46 10.46 18.89
CA MET B 479 21.87 9.08 18.63
C MET B 479 22.39 8.38 19.86
N ALA B 480 22.93 9.15 20.79
CA ALA B 480 23.40 8.60 22.06
C ALA B 480 22.21 8.44 23.01
N GLY B 481 21.03 8.84 22.54
CA GLY B 481 19.79 8.64 23.29
C GLY B 481 19.14 9.89 23.87
N CYS B 482 19.70 11.08 23.58
CA CYS B 482 19.31 12.30 24.29
C CYS B 482 18.04 13.05 23.89
N ASP B 483 17.80 14.07 24.72
CA ASP B 483 16.69 15.01 24.62
C ASP B 483 16.90 16.13 23.59
N PHE B 485 17.45 19.94 22.22
CA PHE B 485 17.68 20.45 20.79
C PHE B 485 16.70 21.58 20.36
N THR B 486 17.27 22.59 19.68
CA THR B 486 16.61 23.86 19.31
C THR B 486 16.54 24.14 17.80
N PRO B 487 15.35 24.45 17.26
CA PRO B 487 15.20 24.63 15.79
C PRO B 487 15.60 26.02 15.26
N PHE B 488 15.69 26.15 13.93
CA PHE B 488 16.01 27.41 13.28
C PHE B 488 14.90 28.45 13.49
MN MN C . -8.35 -17.10 4.43
MN MN D . -7.64 -14.90 6.79
AS CAC E . -9.42 -13.93 4.15
O1 CAC E . -8.97 -15.19 5.23
O2 CAC E . -10.29 -14.80 3.00
C1 CAC E . -7.81 -13.15 3.38
C2 CAC E . -10.48 -12.60 5.12
C1 GOL F . -16.48 -12.65 -0.66
C1 GOL F . -16.12 -12.37 -1.21
O1 GOL F . -17.28 -11.47 -0.63
O1 GOL F . -16.14 -10.98 -1.34
C2 GOL F . -17.26 -13.81 0.00
C2 GOL F . -17.57 -12.87 -1.09
O2 GOL F . -17.25 -14.93 -0.84
O2 GOL F . -18.33 -12.54 -2.22
C3 GOL F . -16.71 -14.23 1.36
C3 GOL F . -17.58 -14.38 -0.90
O3 GOL F . -15.95 -13.22 1.99
O3 GOL F . -17.31 -14.98 -2.15
H11 GOL F . -16.25 -12.91 -1.70
H11 GOL F . -15.65 -12.83 -2.09
H12 GOL F . -15.55 -12.48 -0.12
H12 GOL F . -15.56 -12.66 -0.32
HO1 GOL F . -16.77 -10.72 -0.99
HO1 GOL F . -15.22 -10.64 -1.36
H2 GOL F . -18.29 -13.48 0.14
H2 GOL F . -18.01 -12.41 -0.20
HO2 GOL F . -16.32 -15.27 -0.93
HO2 GOL F . -17.96 -12.97 -3.02
H31 GOL F . -18.55 -14.70 -0.53
H32 GOL F . -16.10 -15.12 1.25
H32 GOL F . -16.81 -14.67 -0.18
HO3 GOL F . -17.66 -15.90 -2.15
C1 GOL G . 0.13 -9.12 -17.63
O1 GOL G . 0.09 -9.35 -19.04
C2 GOL G . 0.62 -7.69 -17.40
O2 GOL G . -0.12 -6.81 -18.21
C3 GOL G . 0.48 -7.24 -15.95
O3 GOL G . 0.51 -5.82 -15.92
H11 GOL G . -0.86 -9.25 -17.21
H12 GOL G . 0.81 -9.82 -17.17
HO1 GOL G . -0.16 -10.28 -19.21
H2 GOL G . 1.67 -7.63 -17.68
HO2 GOL G . -1.06 -6.82 -17.94
H31 GOL G . -0.46 -7.60 -15.54
H32 GOL G . 1.30 -7.64 -15.36
HO3 GOL G . 1.09 -5.52 -15.18
C1 GOL H . 17.17 -8.96 -1.70
O1 GOL H . 16.55 -7.77 -2.12
C2 GOL H . 17.42 -9.90 -2.89
O2 GOL H . 18.31 -10.90 -2.48
C3 GOL H . 17.97 -9.19 -4.12
O3 GOL H . 18.96 -9.99 -4.74
H11 GOL H . 16.54 -9.46 -0.97
H12 GOL H . 18.12 -8.73 -1.22
HO1 GOL H . 16.34 -7.22 -1.33
H2 GOL H . 16.47 -10.35 -3.16
HO2 GOL H . 18.42 -11.55 -3.22
H31 GOL H . 18.40 -8.23 -3.83
H32 GOL H . 17.16 -9.00 -4.82
HO3 GOL H . 18.54 -10.57 -5.40
MN MN I . 10.86 16.70 -0.74
MN MN J . 11.93 14.12 1.05
AS CAC K . 11.29 13.79 -2.15
O1 CAC K . 11.94 14.86 -0.91
O2 CAC K . 10.98 14.77 -3.52
C1 CAC K . 12.66 12.45 -2.52
C2 CAC K . 9.67 12.88 -1.49
C1 GOL L . -11.89 9.52 -11.56
O1 GOL L . -10.98 9.26 -12.61
C2 GOL L . -11.23 10.39 -10.50
O2 GOL L . -9.96 9.87 -10.13
C3 GOL L . -11.19 11.82 -11.02
O3 GOL L . -12.24 12.06 -11.97
H11 GOL L . -12.77 10.01 -11.96
H12 GOL L . -12.20 8.57 -11.13
HO1 GOL L . -11.38 8.65 -13.26
H2 GOL L . -11.88 10.37 -9.62
HO2 GOL L . -9.37 9.89 -10.91
H31 GOL L . -11.29 12.52 -10.18
H32 GOL L . -10.23 12.01 -11.49
HO3 GOL L . -12.11 12.94 -12.39
C1 GOL M . -14.07 8.49 11.04
O1 GOL M . -15.08 9.44 11.37
C2 GOL M . -12.73 8.98 11.57
O2 GOL M . -12.97 9.92 12.60
C3 GOL M . -11.89 7.84 12.11
O3 GOL M . -11.63 6.86 11.14
H11 GOL M . -14.31 7.53 11.48
H12 GOL M . -14.02 8.37 9.96
HO1 GOL M . -15.92 9.17 10.98
H2 GOL M . -12.19 9.46 10.75
HO2 GOL M . -13.43 9.48 13.34
H31 GOL M . -12.41 7.38 12.96
H32 GOL M . -10.94 8.23 12.48
HO3 GOL M . -12.25 6.10 11.26
#